data_2FGL
#
_entry.id   2FGL
#
_cell.length_a   59.188
_cell.length_b   84.200
_cell.length_c   174.701
_cell.angle_alpha   90.00
_cell.angle_beta   90.00
_cell.angle_gamma   90.00
#
_symmetry.space_group_name_H-M   'P 21 21 21'
#
loop_
_entity.id
_entity.type
_entity.pdbx_description
1 polymer 'alkaline thermostable endoxylanase'
2 branched alpha-D-xylopyranose-(1-1)-alpha-D-xylopyranose
3 non-polymer alpha-D-xylopyranose
4 non-polymer 'MAGNESIUM ION'
5 non-polymer beta-L-xylopyranose
6 water water
#
_entity_poly.entity_id   1
_entity_poly.type   'polypeptide(L)'
_entity_poly.pdbx_seq_one_letter_code
;VQPFAWQVASLADRYEESFDIGAAVEPHQLNGRQGKVLKHHYNSIVAENAMKPISLQPEEGVFTWDGADAIVEFARKNNM
NLRFHTLVWHNQVPDWFFLDEEGNPMVEETNEAKRQANKELLLERLETHIKTVVERYKDDVTAWDVVNEVVDDGTPNERG
LRESVWYQITGDEYIRVAFETARKYAGEDAKLFINDYNTEVTPKRDHLYNLVQDLLADGVPIDGVGHQAHIQIDWPTIDE
IRTSMEMFAGLGLDNQVTELDVSLYGWPPRPAFPTYDAIPQERFQAQADRYNQLFELYEELDADLSSVTFWGIADNHTWL
DDRAREYNDGVGKDAPFVFDPNYRVKPAFWRIID
;
_entity_poly.pdbx_strand_id   A,B
#
# COMPACT_ATOMS: atom_id res chain seq x y z
N VAL A 1 7.30 39.88 -17.15
CA VAL A 1 6.05 39.76 -16.33
C VAL A 1 4.81 39.53 -17.21
N GLN A 2 4.30 38.30 -17.20
CA GLN A 2 3.12 37.93 -17.99
C GLN A 2 1.82 38.50 -17.40
N PRO A 3 0.83 38.75 -18.26
CA PRO A 3 -0.47 39.29 -17.85
C PRO A 3 -1.25 38.30 -16.99
N PHE A 4 -2.29 38.78 -16.32
CA PHE A 4 -3.13 37.92 -15.49
C PHE A 4 -4.03 37.09 -16.39
N ALA A 5 -4.47 35.95 -15.86
CA ALA A 5 -5.31 35.02 -16.60
C ALA A 5 -6.60 35.66 -17.09
N TRP A 6 -7.16 36.56 -16.30
CA TRP A 6 -8.42 37.19 -16.68
C TRP A 6 -8.26 38.27 -17.74
N GLN A 7 -7.03 38.52 -18.17
CA GLN A 7 -6.77 39.52 -19.19
C GLN A 7 -6.45 38.90 -20.56
N VAL A 8 -6.37 37.58 -20.60
CA VAL A 8 -6.07 36.90 -21.87
C VAL A 8 -7.30 36.19 -22.42
N ALA A 9 -7.18 35.69 -23.65
CA ALA A 9 -8.29 35.02 -24.33
C ALA A 9 -8.81 33.81 -23.57
N SER A 10 -10.13 33.69 -23.51
CA SER A 10 -10.76 32.59 -22.81
C SER A 10 -10.51 31.24 -23.44
N LEU A 11 -10.01 30.30 -22.63
CA LEU A 11 -9.75 28.93 -23.07
C LEU A 11 -11.04 28.27 -23.52
N ALA A 12 -12.08 28.43 -22.72
CA ALA A 12 -13.38 27.83 -23.02
C ALA A 12 -13.89 28.27 -24.39
N ASP A 13 -13.72 29.56 -24.70
CA ASP A 13 -14.16 30.10 -25.98
C ASP A 13 -13.31 29.56 -27.13
N ARG A 14 -12.00 29.54 -26.94
CA ARG A 14 -11.07 29.03 -27.95
C ARG A 14 -11.36 27.58 -28.38
N TYR A 15 -11.93 26.78 -27.47
CA TYR A 15 -12.23 25.38 -27.76
C TYR A 15 -13.71 25.03 -27.78
N GLU A 16 -14.58 26.05 -27.79
CA GLU A 16 -16.01 25.79 -27.76
C GLU A 16 -16.54 24.86 -28.84
N GLU A 17 -15.80 24.72 -29.94
CA GLU A 17 -16.23 23.86 -31.03
C GLU A 17 -15.68 22.42 -30.88
N SER A 18 -14.79 22.22 -29.91
CA SER A 18 -14.20 20.91 -29.70
C SER A 18 -14.64 20.18 -28.42
N PHE A 19 -14.57 20.88 -27.30
CA PHE A 19 -14.93 20.28 -26.01
C PHE A 19 -14.89 21.32 -24.90
N ASP A 20 -15.47 20.99 -23.75
CA ASP A 20 -15.47 21.89 -22.61
C ASP A 20 -14.06 22.02 -22.04
N ILE A 21 -13.85 23.08 -21.27
CA ILE A 21 -12.59 23.30 -20.58
C ILE A 21 -13.02 23.41 -19.14
N GLY A 22 -12.62 22.44 -18.32
CA GLY A 22 -13.02 22.45 -16.93
C GLY A 22 -11.88 22.46 -15.93
N ALA A 23 -12.25 22.56 -14.66
CA ALA A 23 -11.28 22.60 -13.57
C ALA A 23 -11.84 21.97 -12.29
N ALA A 24 -10.95 21.38 -11.50
CA ALA A 24 -11.34 20.77 -10.23
C ALA A 24 -11.27 21.88 -9.19
N VAL A 25 -12.29 21.99 -8.35
CA VAL A 25 -12.33 23.04 -7.35
C VAL A 25 -12.72 22.61 -5.94
N GLU A 26 -12.39 23.47 -4.97
CA GLU A 26 -12.72 23.28 -3.57
C GLU A 26 -13.70 24.40 -3.27
N PRO A 27 -14.65 24.17 -2.36
CA PRO A 27 -15.65 25.18 -2.00
C PRO A 27 -15.13 26.58 -1.68
N HIS A 28 -13.94 26.67 -1.09
CA HIS A 28 -13.38 27.96 -0.72
C HIS A 28 -12.69 28.71 -1.87
N GLN A 29 -12.68 28.13 -3.06
CA GLN A 29 -12.03 28.78 -4.20
C GLN A 29 -13.06 29.32 -5.18
N LEU A 30 -14.30 29.46 -4.73
CA LEU A 30 -15.36 29.93 -5.61
C LEU A 30 -15.57 31.45 -5.63
N ASN A 31 -14.63 32.19 -5.05
CA ASN A 31 -14.72 33.65 -5.07
C ASN A 31 -13.30 34.17 -5.24
N GLY A 32 -13.10 35.47 -5.04
CA GLY A 32 -11.77 36.04 -5.19
C GLY A 32 -11.20 35.86 -6.59
N ARG A 33 -9.88 35.85 -6.68
CA ARG A 33 -9.21 35.70 -7.96
C ARG A 33 -9.50 34.37 -8.65
N GLN A 34 -9.65 33.31 -7.86
CA GLN A 34 -9.94 32.00 -8.42
C GLN A 34 -11.30 31.99 -9.07
N GLY A 35 -12.29 32.59 -8.42
CA GLY A 35 -13.61 32.65 -8.99
C GLY A 35 -13.58 33.42 -10.29
N LYS A 36 -12.81 34.51 -10.28
CA LYS A 36 -12.65 35.36 -11.45
C LYS A 36 -12.08 34.53 -12.61
N VAL A 37 -11.02 33.79 -12.32
CA VAL A 37 -10.38 32.96 -13.33
C VAL A 37 -11.33 31.90 -13.89
N LEU A 38 -12.06 31.22 -13.00
CA LEU A 38 -13.01 30.19 -13.40
C LEU A 38 -14.05 30.68 -14.40
N LYS A 39 -14.72 31.78 -14.06
CA LYS A 39 -15.76 32.34 -14.91
C LYS A 39 -15.22 32.77 -16.27
N HIS A 40 -14.01 33.31 -16.27
CA HIS A 40 -13.40 33.78 -17.50
C HIS A 40 -12.93 32.67 -18.45
N HIS A 41 -12.34 31.62 -17.90
CA HIS A 41 -11.80 30.54 -18.73
C HIS A 41 -12.50 29.20 -18.84
N TYR A 42 -13.29 28.83 -17.86
CA TYR A 42 -13.90 27.50 -17.89
C TYR A 42 -15.40 27.42 -18.03
N ASN A 43 -15.87 26.40 -18.75
CA ASN A 43 -17.30 26.22 -18.90
C ASN A 43 -17.69 24.89 -18.27
N SER A 44 -16.87 24.41 -17.34
CA SER A 44 -17.14 23.16 -16.64
C SER A 44 -16.28 23.07 -15.40
N ILE A 45 -16.82 22.44 -14.35
CA ILE A 45 -16.04 22.26 -13.13
C ILE A 45 -16.36 20.91 -12.53
N VAL A 46 -15.53 20.48 -11.58
CA VAL A 46 -15.71 19.21 -10.89
C VAL A 46 -15.20 19.40 -9.46
N ALA A 47 -15.78 18.66 -8.53
CA ALA A 47 -15.35 18.78 -7.14
C ALA A 47 -14.09 17.97 -6.91
N GLU A 48 -13.04 18.65 -6.46
CA GLU A 48 -11.78 17.96 -6.18
C GLU A 48 -11.94 16.96 -5.03
N ASN A 49 -12.79 17.29 -4.07
CA ASN A 49 -13.00 16.41 -2.92
C ASN A 49 -14.42 16.37 -2.36
N ALA A 50 -15.08 17.51 -2.34
CA ALA A 50 -16.42 17.63 -1.77
C ALA A 50 -17.49 16.60 -2.19
N MET A 51 -17.27 15.86 -3.27
CA MET A 51 -18.27 14.88 -3.71
C MET A 51 -17.83 13.42 -3.68
N LYS A 52 -16.74 13.13 -2.98
CA LYS A 52 -16.31 11.75 -2.86
C LYS A 52 -17.18 11.11 -1.79
N PRO A 53 -17.33 9.78 -1.80
CA PRO A 53 -18.15 9.08 -0.81
C PRO A 53 -18.07 9.54 0.64
N ILE A 54 -16.87 9.54 1.22
CA ILE A 54 -16.72 9.94 2.60
C ILE A 54 -17.11 11.40 2.84
N SER A 55 -17.11 12.20 1.78
CA SER A 55 -17.46 13.61 1.89
C SER A 55 -18.96 13.86 1.82
N LEU A 56 -19.74 12.85 1.42
CA LEU A 56 -21.19 13.01 1.31
C LEU A 56 -21.98 12.22 2.36
N GLN A 57 -21.46 11.05 2.75
CA GLN A 57 -22.14 10.24 3.76
C GLN A 57 -21.11 9.62 4.70
N PRO A 58 -20.45 10.45 5.51
CA PRO A 58 -19.42 10.03 6.46
C PRO A 58 -19.93 9.02 7.49
N GLU A 59 -21.24 8.98 7.66
CA GLU A 59 -21.89 8.06 8.58
C GLU A 59 -23.15 7.60 7.86
N GLU A 60 -23.47 6.32 7.95
CA GLU A 60 -24.65 5.83 7.29
C GLU A 60 -25.86 6.65 7.72
N GLY A 61 -26.57 7.20 6.74
CA GLY A 61 -27.74 8.00 7.02
C GLY A 61 -27.46 9.48 7.25
N VAL A 62 -26.24 9.79 7.68
CA VAL A 62 -25.85 11.18 7.95
C VAL A 62 -25.16 11.83 6.76
N PHE A 63 -25.90 12.61 5.99
CA PHE A 63 -25.35 13.29 4.82
C PHE A 63 -24.94 14.74 5.05
N THR A 64 -23.82 15.11 4.44
CA THR A 64 -23.28 16.46 4.52
C THR A 64 -23.18 17.01 3.09
N TRP A 65 -24.04 17.97 2.75
CA TRP A 65 -24.04 18.51 1.39
C TRP A 65 -23.50 19.92 1.15
N ASP A 66 -23.23 20.67 2.22
CA ASP A 66 -22.75 22.03 2.08
C ASP A 66 -21.67 22.26 1.01
N GLY A 67 -20.53 21.61 1.16
CA GLY A 67 -19.46 21.78 0.19
C GLY A 67 -19.93 21.47 -1.21
N ALA A 68 -20.58 20.34 -1.38
CA ALA A 68 -21.08 19.90 -2.68
C ALA A 68 -22.14 20.86 -3.22
N ASP A 69 -23.06 21.28 -2.36
CA ASP A 69 -24.11 22.20 -2.79
C ASP A 69 -23.51 23.52 -3.27
N ALA A 70 -22.52 24.02 -2.54
CA ALA A 70 -21.85 25.27 -2.90
C ALA A 70 -21.28 25.18 -4.32
N ILE A 71 -20.63 24.06 -4.63
CA ILE A 71 -20.04 23.85 -5.94
C ILE A 71 -21.13 23.74 -7.01
N VAL A 72 -22.19 23.02 -6.70
CA VAL A 72 -23.31 22.87 -7.63
C VAL A 72 -23.97 24.23 -7.89
N GLU A 73 -24.06 25.05 -6.85
CA GLU A 73 -24.66 26.38 -6.96
C GLU A 73 -23.80 27.26 -7.87
N PHE A 74 -22.50 27.29 -7.57
CA PHE A 74 -21.57 28.08 -8.35
C PHE A 74 -21.69 27.78 -9.83
N ALA A 75 -21.75 26.49 -10.17
CA ALA A 75 -21.86 26.08 -11.57
C ALA A 75 -23.19 26.48 -12.20
N ARG A 76 -24.24 26.50 -11.38
CA ARG A 76 -25.56 26.89 -11.87
C ARG A 76 -25.58 28.39 -12.19
N LYS A 77 -25.18 29.20 -11.20
CA LYS A 77 -25.16 30.65 -11.35
C LYS A 77 -24.27 31.11 -12.49
N ASN A 78 -23.27 30.32 -12.83
CA ASN A 78 -22.35 30.70 -13.90
C ASN A 78 -22.48 29.86 -15.18
N ASN A 79 -23.60 29.17 -15.30
CA ASN A 79 -23.89 28.33 -16.47
C ASN A 79 -22.72 27.47 -16.94
N MET A 80 -22.19 26.64 -16.05
CA MET A 80 -21.09 25.76 -16.38
C MET A 80 -21.53 24.31 -16.26
N ASN A 81 -21.01 23.44 -17.12
CA ASN A 81 -21.37 22.04 -17.02
C ASN A 81 -20.79 21.54 -15.69
N LEU A 82 -21.20 20.36 -15.25
CA LEU A 82 -20.73 19.85 -13.97
C LEU A 82 -20.51 18.35 -13.98
N ARG A 83 -19.25 17.93 -13.76
CA ARG A 83 -18.90 16.51 -13.73
C ARG A 83 -19.01 16.11 -12.26
N PHE A 84 -19.53 14.91 -12.01
CA PHE A 84 -19.67 14.43 -10.64
C PHE A 84 -18.55 13.44 -10.30
N HIS A 85 -17.77 13.77 -9.29
CA HIS A 85 -16.65 12.91 -8.86
C HIS A 85 -16.71 12.69 -7.34
N THR A 86 -16.98 11.47 -6.88
CA THR A 86 -17.24 10.29 -7.71
C THR A 86 -18.11 9.34 -6.87
N LEU A 87 -18.96 8.56 -7.51
CA LEU A 87 -19.85 7.64 -6.80
C LEU A 87 -19.20 6.43 -6.14
N VAL A 88 -18.13 5.91 -6.74
CA VAL A 88 -17.44 4.73 -6.20
C VAL A 88 -15.91 4.83 -6.29
N TRP A 89 -15.23 4.58 -5.18
CA TRP A 89 -13.78 4.59 -5.13
C TRP A 89 -13.29 3.89 -3.85
N HIS A 90 -12.06 3.40 -3.87
CA HIS A 90 -11.50 2.72 -2.70
C HIS A 90 -10.78 3.66 -1.75
N ASN A 91 -10.75 4.95 -2.09
CA ASN A 91 -10.13 5.96 -1.22
C ASN A 91 -11.19 6.97 -0.85
N GLN A 92 -11.00 7.64 0.29
CA GLN A 92 -11.95 8.65 0.75
C GLN A 92 -13.37 8.10 0.65
N VAL A 93 -13.55 6.94 1.27
CA VAL A 93 -14.81 6.22 1.29
C VAL A 93 -14.92 5.78 2.75
N PRO A 94 -16.06 6.07 3.38
CA PRO A 94 -16.29 5.71 4.79
C PRO A 94 -16.21 4.23 5.15
N ASP A 95 -15.61 3.93 6.30
CA ASP A 95 -15.47 2.56 6.76
C ASP A 95 -16.78 1.83 7.05
N TRP A 96 -17.79 2.54 7.56
CA TRP A 96 -19.05 1.87 7.89
C TRP A 96 -19.58 1.02 6.73
N PHE A 97 -19.26 1.41 5.50
CA PHE A 97 -19.70 0.66 4.32
C PHE A 97 -19.29 -0.81 4.37
N PHE A 98 -18.11 -1.07 4.90
CA PHE A 98 -17.58 -2.43 4.91
C PHE A 98 -17.62 -3.27 6.18
N LEU A 99 -18.39 -2.84 7.16
CA LEU A 99 -18.52 -3.61 8.40
C LEU A 99 -19.80 -4.42 8.29
N ASP A 100 -19.85 -5.61 8.91
CA ASP A 100 -21.06 -6.42 8.88
C ASP A 100 -22.01 -5.96 9.98
N GLU A 101 -23.21 -6.51 9.98
CA GLU A 101 -24.22 -6.14 10.97
C GLU A 101 -23.69 -6.18 12.40
N GLU A 102 -22.70 -7.02 12.64
CA GLU A 102 -22.12 -7.15 13.97
C GLU A 102 -20.99 -6.15 14.21
N GLY A 103 -20.65 -5.39 13.18
CA GLY A 103 -19.60 -4.39 13.32
C GLY A 103 -18.19 -4.85 13.01
N ASN A 104 -18.06 -6.00 12.37
CA ASN A 104 -16.75 -6.53 12.01
C ASN A 104 -16.47 -6.38 10.52
N PRO A 105 -15.19 -6.26 10.14
CA PRO A 105 -14.85 -6.12 8.72
C PRO A 105 -15.37 -7.30 7.91
N MET A 106 -16.14 -7.01 6.88
CA MET A 106 -16.70 -8.05 6.04
C MET A 106 -15.62 -8.95 5.44
N VAL A 107 -14.43 -8.39 5.26
CA VAL A 107 -13.33 -9.16 4.68
C VAL A 107 -12.84 -10.28 5.57
N GLU A 108 -13.13 -10.18 6.87
CA GLU A 108 -12.70 -11.21 7.81
C GLU A 108 -13.68 -12.39 7.86
N GLU A 109 -14.88 -12.20 7.32
CA GLU A 109 -15.89 -13.25 7.33
C GLU A 109 -15.44 -14.47 6.52
N THR A 110 -15.58 -15.65 7.12
CA THR A 110 -15.16 -16.89 6.47
C THR A 110 -16.31 -17.81 6.06
N ASN A 111 -17.48 -17.60 6.64
CA ASN A 111 -18.64 -18.42 6.31
C ASN A 111 -19.21 -18.01 4.97
N GLU A 112 -19.09 -18.91 3.99
CA GLU A 112 -19.55 -18.67 2.62
C GLU A 112 -20.96 -18.10 2.54
N ALA A 113 -21.83 -18.52 3.45
CA ALA A 113 -23.20 -18.05 3.46
C ALA A 113 -23.29 -16.63 3.99
N LYS A 114 -22.56 -16.36 5.07
CA LYS A 114 -22.55 -15.02 5.67
C LYS A 114 -21.82 -14.04 4.75
N ARG A 115 -20.87 -14.54 3.96
CA ARG A 115 -20.15 -13.66 3.05
C ARG A 115 -21.14 -13.24 1.98
N GLN A 116 -21.88 -14.21 1.46
CA GLN A 116 -22.88 -13.93 0.44
C GLN A 116 -23.87 -12.93 0.99
N ALA A 117 -24.09 -12.96 2.30
CA ALA A 117 -25.02 -12.05 2.93
C ALA A 117 -24.45 -10.63 2.95
N ASN A 118 -23.19 -10.52 3.35
CA ASN A 118 -22.52 -9.21 3.42
C ASN A 118 -22.37 -8.59 2.03
N LYS A 119 -22.14 -9.42 1.03
CA LYS A 119 -22.02 -8.92 -0.33
C LYS A 119 -23.30 -8.19 -0.71
N GLU A 120 -24.44 -8.86 -0.48
CA GLU A 120 -25.74 -8.30 -0.80
C GLU A 120 -26.00 -7.04 0.01
N LEU A 121 -25.55 -7.02 1.26
CA LEU A 121 -25.74 -5.86 2.10
C LEU A 121 -24.91 -4.66 1.62
N LEU A 122 -23.69 -4.94 1.16
CA LEU A 122 -22.82 -3.87 0.67
C LEU A 122 -23.41 -3.27 -0.61
N LEU A 123 -23.86 -4.12 -1.52
CA LEU A 123 -24.45 -3.64 -2.76
C LEU A 123 -25.68 -2.80 -2.45
N GLU A 124 -26.37 -3.14 -1.37
CA GLU A 124 -27.58 -2.40 -0.98
C GLU A 124 -27.20 -1.03 -0.43
N ARG A 125 -26.10 -0.99 0.31
CA ARG A 125 -25.61 0.27 0.86
C ARG A 125 -25.11 1.14 -0.28
N LEU A 126 -24.46 0.53 -1.26
CA LEU A 126 -23.94 1.25 -2.41
C LEU A 126 -25.13 1.81 -3.20
N GLU A 127 -26.17 0.99 -3.34
CA GLU A 127 -27.36 1.37 -4.07
C GLU A 127 -28.00 2.60 -3.43
N THR A 128 -28.12 2.57 -2.11
CA THR A 128 -28.71 3.69 -1.36
C THR A 128 -27.89 4.97 -1.54
N HIS A 129 -26.57 4.85 -1.41
CA HIS A 129 -25.69 6.01 -1.56
C HIS A 129 -25.91 6.65 -2.93
N ILE A 130 -25.82 5.85 -3.98
CA ILE A 130 -25.98 6.37 -5.33
C ILE A 130 -27.36 7.01 -5.50
N LYS A 131 -28.40 6.31 -5.06
CA LYS A 131 -29.76 6.82 -5.18
C LYS A 131 -29.94 8.18 -4.53
N THR A 132 -29.55 8.30 -3.26
CA THR A 132 -29.69 9.55 -2.54
C THR A 132 -28.94 10.69 -3.22
N VAL A 133 -27.72 10.41 -3.70
CA VAL A 133 -26.90 11.41 -4.36
C VAL A 133 -27.36 11.79 -5.76
N VAL A 134 -27.73 10.81 -6.57
CA VAL A 134 -28.18 11.09 -7.93
C VAL A 134 -29.47 11.86 -7.92
N GLU A 135 -30.38 11.56 -6.99
CA GLU A 135 -31.65 12.27 -6.93
C GLU A 135 -31.45 13.73 -6.60
N ARG A 136 -30.51 14.01 -5.70
CA ARG A 136 -30.25 15.38 -5.32
C ARG A 136 -29.57 16.21 -6.41
N TYR A 137 -28.77 15.58 -7.26
CA TYR A 137 -28.05 16.33 -8.29
C TYR A 137 -28.29 15.95 -9.76
N LYS A 138 -29.22 15.03 -10.01
CA LYS A 138 -29.50 14.59 -11.37
C LYS A 138 -29.73 15.69 -12.41
N ASP A 139 -30.23 16.84 -11.97
CA ASP A 139 -30.51 17.94 -12.91
C ASP A 139 -29.34 18.89 -13.13
N ASP A 140 -28.29 18.74 -12.33
CA ASP A 140 -27.13 19.62 -12.43
C ASP A 140 -25.89 18.95 -13.02
N VAL A 141 -25.68 17.68 -12.71
CA VAL A 141 -24.53 16.95 -13.21
C VAL A 141 -24.68 16.66 -14.69
N THR A 142 -23.62 16.89 -15.45
CA THR A 142 -23.62 16.65 -16.90
C THR A 142 -22.77 15.43 -17.29
N ALA A 143 -22.04 14.88 -16.33
CA ALA A 143 -21.20 13.71 -16.53
C ALA A 143 -20.95 13.09 -15.16
N TRP A 144 -21.11 11.77 -15.06
CA TRP A 144 -20.90 11.08 -13.80
C TRP A 144 -19.72 10.10 -13.82
N ASP A 145 -18.85 10.21 -12.83
CA ASP A 145 -17.73 9.28 -12.68
C ASP A 145 -18.35 8.22 -11.81
N VAL A 146 -19.09 7.30 -12.42
CA VAL A 146 -19.75 6.24 -11.69
C VAL A 146 -18.77 5.45 -10.83
N VAL A 147 -17.67 5.02 -11.42
CA VAL A 147 -16.65 4.29 -10.66
C VAL A 147 -15.30 4.90 -10.95
N ASN A 148 -14.42 4.89 -9.95
CA ASN A 148 -13.10 5.46 -10.10
C ASN A 148 -12.03 4.44 -9.72
N GLU A 149 -11.07 4.26 -10.62
CA GLU A 149 -9.94 3.37 -10.40
C GLU A 149 -10.24 1.92 -10.01
N VAL A 150 -11.12 1.25 -10.77
CA VAL A 150 -11.45 -0.14 -10.50
C VAL A 150 -10.55 -1.12 -11.27
N VAL A 151 -9.67 -0.62 -12.11
CA VAL A 151 -8.74 -1.47 -12.87
C VAL A 151 -7.38 -1.39 -12.20
N ASP A 152 -6.71 -2.53 -12.05
CA ASP A 152 -5.40 -2.57 -11.38
C ASP A 152 -4.25 -2.06 -12.24
N ASP A 153 -3.12 -1.76 -11.60
CA ASP A 153 -1.95 -1.29 -12.33
C ASP A 153 -1.13 -2.49 -12.84
N GLY A 154 -1.35 -3.65 -12.24
CA GLY A 154 -0.65 -4.85 -12.65
C GLY A 154 -1.64 -5.91 -13.11
N THR A 155 -1.38 -7.17 -12.78
CA THR A 155 -2.30 -8.25 -13.15
C THR A 155 -2.44 -9.26 -12.01
N PRO A 156 -3.09 -8.84 -10.91
CA PRO A 156 -3.31 -9.70 -9.75
C PRO A 156 -4.32 -10.81 -10.05
N ASN A 157 -5.10 -10.61 -11.11
CA ASN A 157 -6.07 -11.59 -11.56
C ASN A 157 -6.18 -11.46 -13.09
N GLU A 158 -6.64 -12.51 -13.75
CA GLU A 158 -6.74 -12.52 -15.21
C GLU A 158 -7.42 -11.28 -15.79
N ARG A 159 -8.39 -10.74 -15.06
CA ARG A 159 -9.13 -9.57 -15.53
C ARG A 159 -8.51 -8.21 -15.21
N GLY A 160 -7.46 -8.20 -14.42
CA GLY A 160 -6.81 -6.94 -14.07
C GLY A 160 -7.66 -6.00 -13.26
N LEU A 161 -8.53 -6.55 -12.43
CA LEU A 161 -9.40 -5.73 -11.60
C LEU A 161 -8.70 -5.40 -10.28
N ARG A 162 -8.74 -4.13 -9.87
CA ARG A 162 -8.13 -3.73 -8.60
C ARG A 162 -8.78 -4.53 -7.50
N GLU A 163 -7.96 -5.14 -6.65
CA GLU A 163 -8.51 -5.96 -5.58
C GLU A 163 -8.69 -5.18 -4.29
N SER A 164 -9.54 -4.16 -4.36
CA SER A 164 -9.87 -3.35 -3.21
C SER A 164 -10.97 -4.04 -2.38
N VAL A 165 -11.33 -3.45 -1.25
CA VAL A 165 -12.36 -4.05 -0.43
C VAL A 165 -13.61 -4.28 -1.27
N TRP A 166 -13.89 -3.40 -2.23
CA TRP A 166 -15.07 -3.56 -3.10
C TRP A 166 -15.02 -4.89 -3.85
N TYR A 167 -13.85 -5.22 -4.38
CA TYR A 167 -13.66 -6.44 -5.16
C TYR A 167 -13.65 -7.69 -4.28
N GLN A 168 -12.94 -7.63 -3.16
CA GLN A 168 -12.84 -8.77 -2.26
C GLN A 168 -14.23 -9.21 -1.78
N ILE A 169 -15.15 -8.27 -1.69
CA ILE A 169 -16.47 -8.59 -1.22
C ILE A 169 -17.51 -8.85 -2.30
N THR A 170 -17.41 -8.14 -3.42
CA THR A 170 -18.43 -8.31 -4.44
C THR A 170 -17.92 -8.68 -5.83
N GLY A 171 -16.62 -8.89 -5.96
CA GLY A 171 -16.07 -9.20 -7.26
C GLY A 171 -16.30 -7.98 -8.13
N ASP A 172 -16.77 -8.16 -9.34
CA ASP A 172 -17.01 -7.02 -10.22
C ASP A 172 -18.45 -6.53 -10.08
N GLU A 173 -19.19 -7.11 -9.15
CA GLU A 173 -20.59 -6.76 -8.97
C GLU A 173 -20.86 -5.32 -8.58
N TYR A 174 -20.01 -4.75 -7.73
CA TYR A 174 -20.22 -3.38 -7.31
C TYR A 174 -20.16 -2.44 -8.51
N ILE A 175 -19.39 -2.81 -9.53
CA ILE A 175 -19.28 -2.01 -10.73
C ILE A 175 -20.58 -2.02 -11.51
N ARG A 176 -21.19 -3.21 -11.64
CA ARG A 176 -22.45 -3.37 -12.35
C ARG A 176 -23.57 -2.61 -11.65
N VAL A 177 -23.66 -2.79 -10.34
CA VAL A 177 -24.68 -2.12 -9.55
C VAL A 177 -24.59 -0.60 -9.63
N ALA A 178 -23.37 -0.09 -9.55
CA ALA A 178 -23.14 1.35 -9.61
C ALA A 178 -23.67 1.95 -10.91
N PHE A 179 -23.25 1.39 -12.04
CA PHE A 179 -23.71 1.89 -13.32
C PHE A 179 -25.22 1.76 -13.52
N GLU A 180 -25.78 0.62 -13.12
CA GLU A 180 -27.22 0.42 -13.28
C GLU A 180 -28.04 1.27 -12.32
N THR A 181 -27.55 1.49 -11.11
CA THR A 181 -28.27 2.34 -10.17
C THR A 181 -28.16 3.77 -10.67
N ALA A 182 -26.99 4.12 -11.22
CA ALA A 182 -26.79 5.46 -11.74
C ALA A 182 -27.73 5.72 -12.90
N ARG A 183 -27.82 4.78 -13.83
CA ARG A 183 -28.70 4.91 -14.99
C ARG A 183 -30.17 4.94 -14.57
N LYS A 184 -30.50 4.22 -13.52
CA LYS A 184 -31.87 4.16 -13.03
C LYS A 184 -32.38 5.48 -12.48
N TYR A 185 -31.58 6.13 -11.65
CA TYR A 185 -32.00 7.39 -11.04
C TYR A 185 -31.53 8.68 -11.72
N ALA A 186 -30.72 8.58 -12.75
CA ALA A 186 -30.24 9.77 -13.44
C ALA A 186 -30.91 9.97 -14.80
N GLY A 187 -31.66 8.97 -15.25
CA GLY A 187 -32.32 9.09 -16.53
C GLY A 187 -31.47 8.52 -17.65
N GLU A 188 -32.15 8.04 -18.70
CA GLU A 188 -31.49 7.44 -19.85
C GLU A 188 -30.57 8.39 -20.62
N ASP A 189 -30.60 9.67 -20.28
CA ASP A 189 -29.76 10.64 -20.97
C ASP A 189 -28.55 11.13 -20.16
N ALA A 190 -28.38 10.59 -18.95
CA ALA A 190 -27.24 10.96 -18.11
C ALA A 190 -25.99 10.25 -18.66
N LYS A 191 -24.86 10.94 -18.68
CA LYS A 191 -23.64 10.35 -19.18
C LYS A 191 -22.84 9.68 -18.06
N LEU A 192 -22.74 8.36 -18.13
CA LEU A 192 -22.04 7.58 -17.12
C LEU A 192 -20.65 7.16 -17.56
N PHE A 193 -19.65 7.52 -16.75
CA PHE A 193 -18.25 7.20 -17.05
C PHE A 193 -17.57 6.29 -16.04
N ILE A 194 -16.53 5.61 -16.53
CA ILE A 194 -15.68 4.78 -15.70
C ILE A 194 -14.38 5.59 -15.83
N ASN A 195 -13.84 6.01 -14.69
CA ASN A 195 -12.65 6.87 -14.66
C ASN A 195 -11.42 6.12 -14.11
N ASP A 196 -10.24 6.46 -14.61
CA ASP A 196 -9.00 5.82 -14.16
C ASP A 196 -7.75 6.55 -14.68
N TYR A 197 -6.59 6.24 -14.12
CA TYR A 197 -5.34 6.84 -14.58
C TYR A 197 -4.53 5.79 -15.33
N ASN A 198 -3.56 6.25 -16.11
CA ASN A 198 -2.70 5.37 -16.90
C ASN A 198 -3.53 4.53 -17.86
N THR A 199 -4.56 5.15 -18.42
CA THR A 199 -5.43 4.48 -19.37
C THR A 199 -4.77 4.40 -20.74
N GLU A 200 -3.59 5.00 -20.86
CA GLU A 200 -2.87 5.02 -22.14
C GLU A 200 -1.82 3.91 -22.25
N VAL A 201 -1.47 3.31 -21.13
CA VAL A 201 -0.45 2.28 -21.15
C VAL A 201 -0.90 0.86 -20.83
N THR A 202 -0.32 -0.09 -21.57
CA THR A 202 -0.62 -1.51 -21.39
C THR A 202 0.17 -1.96 -20.16
N PRO A 203 -0.31 -2.99 -19.45
CA PRO A 203 -1.53 -3.77 -19.69
C PRO A 203 -2.83 -3.10 -19.20
N LYS A 204 -2.72 -2.16 -18.27
CA LYS A 204 -3.91 -1.50 -17.72
C LYS A 204 -4.93 -1.09 -18.77
N ARG A 205 -4.46 -0.43 -19.83
CA ARG A 205 -5.35 0.00 -20.89
C ARG A 205 -6.16 -1.15 -21.48
N ASP A 206 -5.49 -2.27 -21.73
CA ASP A 206 -6.19 -3.43 -22.28
C ASP A 206 -7.16 -4.05 -21.27
N HIS A 207 -6.80 -4.07 -19.99
CA HIS A 207 -7.69 -4.62 -18.98
C HIS A 207 -8.96 -3.80 -18.98
N LEU A 208 -8.81 -2.47 -18.95
CA LEU A 208 -9.94 -1.57 -18.94
C LEU A 208 -10.78 -1.78 -20.20
N TYR A 209 -10.11 -1.91 -21.33
CA TYR A 209 -10.78 -2.14 -22.61
C TYR A 209 -11.62 -3.43 -22.60
N ASN A 210 -11.09 -4.48 -21.98
CA ASN A 210 -11.82 -5.75 -21.87
C ASN A 210 -12.98 -5.64 -20.89
N LEU A 211 -12.77 -4.95 -19.78
CA LEU A 211 -13.80 -4.77 -18.77
C LEU A 211 -15.03 -4.06 -19.34
N VAL A 212 -14.82 -2.92 -19.99
CA VAL A 212 -15.97 -2.20 -20.54
C VAL A 212 -16.63 -3.04 -21.64
N GLN A 213 -15.82 -3.74 -22.42
CA GLN A 213 -16.33 -4.57 -23.50
C GLN A 213 -17.19 -5.67 -22.89
N ASP A 214 -16.68 -6.31 -21.84
CA ASP A 214 -17.43 -7.36 -21.18
C ASP A 214 -18.71 -6.83 -20.53
N LEU A 215 -18.62 -5.69 -19.86
CA LEU A 215 -19.78 -5.11 -19.21
C LEU A 215 -20.81 -4.64 -20.23
N LEU A 216 -20.34 -4.09 -21.36
CA LEU A 216 -21.24 -3.63 -22.40
C LEU A 216 -22.04 -4.81 -22.92
N ALA A 217 -21.35 -5.93 -23.14
CA ALA A 217 -22.00 -7.14 -23.63
C ALA A 217 -23.08 -7.63 -22.67
N ASP A 218 -22.93 -7.31 -21.38
CA ASP A 218 -23.93 -7.73 -20.39
C ASP A 218 -25.01 -6.68 -20.16
N GLY A 219 -25.05 -5.69 -21.04
CA GLY A 219 -26.04 -4.64 -20.93
C GLY A 219 -25.81 -3.56 -19.90
N VAL A 220 -24.63 -3.55 -19.28
CA VAL A 220 -24.28 -2.55 -18.28
C VAL A 220 -24.24 -1.18 -18.95
N PRO A 221 -24.94 -0.19 -18.38
CA PRO A 221 -24.96 1.16 -18.95
C PRO A 221 -23.69 1.97 -18.74
N ILE A 222 -22.80 1.97 -19.73
CA ILE A 222 -21.56 2.74 -19.64
C ILE A 222 -21.46 3.60 -20.90
N ASP A 223 -21.40 4.91 -20.72
CA ASP A 223 -21.34 5.83 -21.85
C ASP A 223 -19.95 6.28 -22.27
N GLY A 224 -19.04 6.39 -21.33
CA GLY A 224 -17.72 6.84 -21.69
C GLY A 224 -16.63 6.46 -20.72
N VAL A 225 -15.40 6.71 -21.15
CA VAL A 225 -14.22 6.44 -20.36
C VAL A 225 -13.60 7.77 -19.98
N GLY A 226 -13.25 7.91 -18.70
CA GLY A 226 -12.64 9.11 -18.21
C GLY A 226 -11.15 8.86 -17.99
N HIS A 227 -10.33 9.59 -18.72
CA HIS A 227 -8.88 9.47 -18.62
C HIS A 227 -8.40 10.57 -17.68
N GLN A 228 -7.94 10.19 -16.49
CA GLN A 228 -7.48 11.20 -15.53
C GLN A 228 -6.35 12.04 -16.10
N ALA A 229 -5.48 11.40 -16.88
CA ALA A 229 -4.37 12.09 -17.51
C ALA A 229 -3.39 12.77 -16.56
N HIS A 230 -3.00 12.08 -15.50
CA HIS A 230 -2.01 12.62 -14.58
C HIS A 230 -0.74 12.17 -15.27
N ILE A 231 -0.35 12.96 -16.25
CA ILE A 231 0.79 12.67 -17.09
C ILE A 231 2.01 13.53 -16.82
N GLN A 232 3.08 13.23 -17.55
CA GLN A 232 4.32 13.94 -17.42
C GLN A 232 4.64 14.65 -18.74
N ILE A 233 5.81 15.26 -18.81
CA ILE A 233 6.22 15.99 -19.99
C ILE A 233 6.57 15.11 -21.20
N ASP A 234 7.15 13.94 -20.94
CA ASP A 234 7.53 13.03 -22.02
C ASP A 234 6.84 11.67 -21.94
N TRP A 235 5.87 11.54 -21.04
CA TRP A 235 5.16 10.27 -20.86
C TRP A 235 3.75 10.55 -20.35
N PRO A 236 2.74 9.86 -20.90
CA PRO A 236 2.85 8.86 -21.97
C PRO A 236 3.12 9.59 -23.27
N THR A 237 3.24 8.86 -24.38
CA THR A 237 3.48 9.53 -25.65
C THR A 237 2.16 9.93 -26.27
N ILE A 238 2.24 10.85 -27.22
CA ILE A 238 1.06 11.34 -27.92
C ILE A 238 0.36 10.15 -28.57
N ASP A 239 1.13 9.32 -29.26
CA ASP A 239 0.60 8.15 -29.95
C ASP A 239 -0.16 7.22 -28.97
N GLU A 240 0.41 7.01 -27.79
CA GLU A 240 -0.26 6.15 -26.80
C GLU A 240 -1.58 6.78 -26.34
N ILE A 241 -1.56 8.10 -26.12
CA ILE A 241 -2.77 8.79 -25.71
C ILE A 241 -3.82 8.68 -26.83
N ARG A 242 -3.38 8.88 -28.07
CA ARG A 242 -4.26 8.79 -29.23
C ARG A 242 -4.87 7.40 -29.38
N THR A 243 -4.01 6.39 -29.35
CA THR A 243 -4.43 5.00 -29.50
C THR A 243 -5.48 4.59 -28.49
N SER A 244 -5.29 5.00 -27.24
CA SER A 244 -6.23 4.68 -26.19
C SER A 244 -7.61 5.28 -26.49
N MET A 245 -7.65 6.58 -26.77
CA MET A 245 -8.91 7.23 -27.07
C MET A 245 -9.57 6.64 -28.31
N GLU A 246 -8.77 6.36 -29.34
CA GLU A 246 -9.33 5.78 -30.55
C GLU A 246 -9.93 4.41 -30.21
N MET A 247 -9.26 3.67 -29.34
CA MET A 247 -9.75 2.36 -28.94
C MET A 247 -11.11 2.40 -28.30
N PHE A 248 -11.31 3.29 -27.33
CA PHE A 248 -12.60 3.38 -26.67
C PHE A 248 -13.66 4.01 -27.59
N ALA A 249 -13.24 4.93 -28.44
CA ALA A 249 -14.19 5.55 -29.35
C ALA A 249 -14.71 4.43 -30.25
N GLY A 250 -13.84 3.47 -30.51
CA GLY A 250 -14.20 2.35 -31.35
C GLY A 250 -15.31 1.50 -30.76
N LEU A 251 -15.46 1.55 -29.44
CA LEU A 251 -16.51 0.77 -28.78
C LEU A 251 -17.78 1.61 -28.70
N GLY A 252 -17.72 2.80 -29.27
CA GLY A 252 -18.89 3.67 -29.25
C GLY A 252 -19.02 4.42 -27.93
N LEU A 253 -17.88 4.63 -27.27
CA LEU A 253 -17.87 5.34 -26.00
C LEU A 253 -17.24 6.71 -26.15
N ASP A 254 -17.69 7.65 -25.34
CA ASP A 254 -17.18 9.01 -25.37
C ASP A 254 -15.94 9.05 -24.49
N ASN A 255 -15.02 9.96 -24.79
CA ASN A 255 -13.80 10.12 -24.00
C ASN A 255 -13.83 11.50 -23.36
N GLN A 256 -13.22 11.61 -22.18
CA GLN A 256 -13.10 12.88 -21.48
C GLN A 256 -11.81 12.83 -20.70
N VAL A 257 -11.09 13.95 -20.67
CA VAL A 257 -9.87 14.08 -19.91
C VAL A 257 -10.43 14.74 -18.65
N THR A 258 -10.32 14.03 -17.54
CA THR A 258 -10.92 14.45 -16.28
C THR A 258 -10.07 15.09 -15.18
N GLU A 259 -8.79 14.75 -15.12
CA GLU A 259 -7.93 15.28 -14.07
C GLU A 259 -6.55 15.63 -14.60
N LEU A 260 -6.55 16.32 -15.72
CA LEU A 260 -5.31 16.70 -16.37
C LEU A 260 -4.35 17.59 -15.60
N ASP A 261 -3.10 17.16 -15.56
CA ASP A 261 -2.02 17.94 -15.00
C ASP A 261 -0.74 17.42 -15.60
N VAL A 262 0.15 18.34 -15.96
CA VAL A 262 1.41 17.99 -16.56
C VAL A 262 2.52 18.28 -15.57
N SER A 263 2.93 17.25 -14.85
CA SER A 263 3.99 17.38 -13.86
C SER A 263 5.32 17.73 -14.54
N LEU A 264 6.19 18.40 -13.80
CA LEU A 264 7.49 18.78 -14.32
C LEU A 264 8.48 17.64 -14.09
N TYR A 265 8.04 16.67 -13.29
CA TYR A 265 8.88 15.54 -12.93
C TYR A 265 8.40 14.21 -13.47
N GLY A 266 9.23 13.18 -13.30
CA GLY A 266 8.87 11.85 -13.74
C GLY A 266 8.19 11.19 -12.56
N TRP A 267 8.35 9.86 -12.42
CA TRP A 267 7.74 9.16 -11.30
C TRP A 267 8.62 8.05 -10.73
N PRO A 268 8.88 8.09 -9.41
CA PRO A 268 8.37 9.14 -8.53
C PRO A 268 8.96 10.51 -8.85
N PRO A 269 8.30 11.58 -8.41
CA PRO A 269 8.75 12.96 -8.65
C PRO A 269 10.03 13.38 -7.91
N ARG A 270 11.15 12.77 -8.27
CA ARG A 270 12.44 13.08 -7.65
C ARG A 270 13.52 13.31 -8.70
N PRO A 271 14.37 14.33 -8.50
CA PRO A 271 14.32 15.25 -7.37
C PRO A 271 13.43 16.42 -7.75
N ALA A 272 12.66 16.93 -6.79
CA ALA A 272 11.77 18.04 -7.08
C ALA A 272 12.41 19.35 -6.64
N PHE A 273 12.09 20.43 -7.34
CA PHE A 273 12.64 21.72 -6.96
C PHE A 273 11.94 22.09 -5.66
N PRO A 274 12.71 22.60 -4.69
CA PRO A 274 12.22 23.02 -3.37
C PRO A 274 11.15 24.10 -3.34
N THR A 275 11.29 25.10 -4.20
CA THR A 275 10.33 26.19 -4.24
C THR A 275 9.94 26.49 -5.68
N TYR A 276 8.92 27.30 -5.86
CA TYR A 276 8.49 27.63 -7.21
C TYR A 276 9.55 28.42 -7.93
N ASP A 277 10.11 29.42 -7.26
CA ASP A 277 11.15 30.27 -7.83
C ASP A 277 12.37 29.50 -8.30
N ALA A 278 12.64 28.35 -7.66
CA ALA A 278 13.79 27.54 -8.04
C ALA A 278 13.62 26.78 -9.35
N ILE A 279 12.40 26.78 -9.90
CA ILE A 279 12.16 26.06 -11.15
C ILE A 279 12.70 26.85 -12.35
N PRO A 280 13.61 26.24 -13.14
CA PRO A 280 14.19 26.90 -14.30
C PRO A 280 13.22 27.03 -15.48
N GLN A 281 13.36 28.11 -16.24
CA GLN A 281 12.49 28.36 -17.38
C GLN A 281 12.51 27.23 -18.40
N GLU A 282 13.65 26.56 -18.56
CA GLU A 282 13.72 25.47 -19.51
C GLU A 282 12.59 24.47 -19.24
N ARG A 283 12.31 24.22 -17.96
CA ARG A 283 11.25 23.28 -17.56
C ARG A 283 9.90 23.75 -18.10
N PHE A 284 9.56 25.01 -17.82
CA PHE A 284 8.30 25.56 -18.27
C PHE A 284 8.20 25.54 -19.79
N GLN A 285 9.33 25.75 -20.47
CA GLN A 285 9.35 25.74 -21.93
C GLN A 285 9.11 24.32 -22.42
N ALA A 286 9.72 23.36 -21.75
CA ALA A 286 9.52 21.97 -22.12
C ALA A 286 8.04 21.63 -21.88
N GLN A 287 7.49 22.14 -20.79
CA GLN A 287 6.10 21.89 -20.45
C GLN A 287 5.20 22.51 -21.53
N ALA A 288 5.60 23.67 -22.02
CA ALA A 288 4.86 24.36 -23.06
C ALA A 288 4.79 23.56 -24.37
N ASP A 289 5.90 22.95 -24.77
CA ASP A 289 5.92 22.15 -26.00
C ASP A 289 4.99 20.95 -25.81
N ARG A 290 4.99 20.40 -24.62
CA ARG A 290 4.16 19.25 -24.28
C ARG A 290 2.69 19.62 -24.40
N TYR A 291 2.32 20.75 -23.81
CA TYR A 291 0.94 21.23 -23.86
C TYR A 291 0.46 21.50 -25.27
N ASN A 292 1.32 22.08 -26.10
CA ASN A 292 0.95 22.38 -27.47
C ASN A 292 0.61 21.07 -28.19
N GLN A 293 1.47 20.08 -28.05
CA GLN A 293 1.27 18.79 -28.68
C GLN A 293 0.01 18.13 -28.16
N LEU A 294 -0.19 18.25 -26.85
CA LEU A 294 -1.34 17.64 -26.20
C LEU A 294 -2.66 18.20 -26.71
N PHE A 295 -2.80 19.52 -26.72
CA PHE A 295 -4.04 20.10 -27.19
C PHE A 295 -4.24 19.99 -28.69
N GLU A 296 -3.14 19.91 -29.44
CA GLU A 296 -3.25 19.73 -30.88
C GLU A 296 -3.88 18.35 -31.06
N LEU A 297 -3.45 17.40 -30.24
CA LEU A 297 -4.02 16.06 -30.30
C LEU A 297 -5.49 16.09 -29.93
N TYR A 298 -5.80 16.64 -28.75
CA TYR A 298 -7.18 16.71 -28.31
C TYR A 298 -8.03 17.35 -29.40
N GLU A 299 -7.49 18.34 -30.08
CA GLU A 299 -8.24 19.00 -31.12
C GLU A 299 -8.42 18.05 -32.30
N GLU A 300 -7.37 17.30 -32.63
CA GLU A 300 -7.45 16.34 -33.72
C GLU A 300 -8.54 15.30 -33.45
N LEU A 301 -8.76 14.97 -32.18
CA LEU A 301 -9.74 13.97 -31.80
C LEU A 301 -11.04 14.53 -31.21
N ASP A 302 -11.28 15.83 -31.39
CA ASP A 302 -12.47 16.44 -30.81
C ASP A 302 -13.80 15.80 -31.19
N ALA A 303 -13.76 14.86 -32.13
CA ALA A 303 -14.98 14.17 -32.56
C ALA A 303 -15.35 13.08 -31.55
N ASP A 304 -14.37 12.66 -30.76
CA ASP A 304 -14.58 11.62 -29.75
C ASP A 304 -14.19 12.08 -28.35
N LEU A 305 -13.91 13.37 -28.21
CA LEU A 305 -13.51 13.95 -26.93
C LEU A 305 -14.51 15.06 -26.64
N SER A 306 -15.23 14.96 -25.53
CA SER A 306 -16.22 15.98 -25.23
C SER A 306 -15.83 16.99 -24.16
N SER A 307 -14.87 16.65 -23.32
CA SER A 307 -14.50 17.54 -22.26
C SER A 307 -13.08 17.31 -21.80
N VAL A 308 -12.42 18.39 -21.38
CA VAL A 308 -11.06 18.34 -20.91
C VAL A 308 -10.98 19.16 -19.64
N THR A 309 -10.74 18.49 -18.52
CA THR A 309 -10.68 19.15 -17.23
C THR A 309 -9.29 19.05 -16.59
N PHE A 310 -8.81 20.18 -16.07
CA PHE A 310 -7.53 20.22 -15.38
C PHE A 310 -7.84 19.89 -13.91
N TRP A 311 -6.95 19.17 -13.24
CA TRP A 311 -7.18 18.87 -11.82
C TRP A 311 -6.72 20.04 -10.95
N GLY A 312 -7.27 21.21 -11.24
CA GLY A 312 -6.92 22.41 -10.50
C GLY A 312 -7.03 23.65 -11.38
N ILE A 313 -6.74 24.82 -10.83
CA ILE A 313 -6.84 26.05 -11.58
C ILE A 313 -5.46 26.66 -11.88
N ALA A 314 -4.74 27.05 -10.84
CA ALA A 314 -3.42 27.64 -10.99
C ALA A 314 -2.39 26.88 -10.16
N ASP A 315 -1.11 27.08 -10.48
CA ASP A 315 -0.01 26.39 -9.79
C ASP A 315 0.08 26.58 -8.27
N ASN A 316 -0.74 27.45 -7.71
CA ASN A 316 -0.68 27.66 -6.25
C ASN A 316 -1.39 26.53 -5.49
N HIS A 317 -2.29 25.81 -6.17
CA HIS A 317 -3.03 24.72 -5.54
C HIS A 317 -3.06 23.47 -6.43
N THR A 318 -2.25 22.48 -6.07
CA THR A 318 -2.17 21.23 -6.83
C THR A 318 -1.75 20.06 -5.95
N TRP A 319 -2.47 18.95 -6.05
CA TRP A 319 -2.16 17.76 -5.24
C TRP A 319 -0.79 17.19 -5.62
N LEU A 320 -0.24 17.67 -6.71
CA LEU A 320 1.07 17.18 -7.13
C LEU A 320 2.13 17.63 -6.14
N ASP A 321 1.85 18.69 -5.38
CA ASP A 321 2.80 19.16 -4.40
C ASP A 321 2.93 18.14 -3.27
N ASP A 322 1.81 17.53 -2.88
CA ASP A 322 1.85 16.53 -1.84
C ASP A 322 2.72 15.37 -2.30
N ARG A 323 2.54 14.97 -3.55
CA ARG A 323 3.32 13.88 -4.11
C ARG A 323 4.79 14.26 -4.15
N ALA A 324 5.07 15.50 -4.53
CA ALA A 324 6.45 15.97 -4.58
C ALA A 324 7.07 15.87 -3.19
N ARG A 325 6.36 16.40 -2.19
CA ARG A 325 6.84 16.37 -0.82
C ARG A 325 7.12 14.96 -0.28
N GLU A 326 6.18 14.05 -0.49
CA GLU A 326 6.34 12.68 -0.02
C GLU A 326 7.67 12.06 -0.47
N TYR A 327 8.06 12.33 -1.70
CA TYR A 327 9.29 11.76 -2.21
C TYR A 327 10.54 12.62 -2.09
N ASN A 328 10.40 13.82 -1.55
CA ASN A 328 11.57 14.70 -1.41
C ASN A 328 11.73 15.23 0.01
N ASP A 329 11.65 14.32 0.98
CA ASP A 329 11.79 14.62 2.39
C ASP A 329 10.96 15.77 2.93
N GLY A 330 9.73 15.89 2.45
CA GLY A 330 8.84 16.94 2.93
C GLY A 330 8.90 18.29 2.23
N VAL A 331 9.80 18.43 1.26
CA VAL A 331 9.93 19.70 0.54
C VAL A 331 9.94 19.51 -0.97
N GLY A 332 9.05 20.20 -1.65
CA GLY A 332 8.97 20.10 -3.09
C GLY A 332 7.82 20.89 -3.65
N LYS A 333 7.96 21.35 -4.89
CA LYS A 333 6.91 22.13 -5.55
C LYS A 333 6.80 21.75 -7.01
N ASP A 334 5.58 21.55 -7.48
CA ASP A 334 5.35 21.21 -8.88
C ASP A 334 4.59 22.43 -9.44
N ALA A 335 4.38 22.45 -10.77
CA ALA A 335 3.71 23.55 -11.48
C ALA A 335 3.12 22.98 -12.77
N PRO A 336 2.00 22.25 -12.67
CA PRO A 336 1.28 21.60 -13.75
C PRO A 336 0.34 22.34 -14.68
N PHE A 337 -0.07 23.55 -14.31
CA PHE A 337 -1.04 24.28 -15.12
C PHE A 337 -0.51 25.35 -16.07
N VAL A 338 -1.42 26.05 -16.74
CA VAL A 338 -1.03 27.11 -17.67
C VAL A 338 -1.04 28.45 -16.95
N PHE A 339 -1.40 28.44 -15.67
CA PHE A 339 -1.45 29.65 -14.87
C PHE A 339 -0.57 29.47 -13.63
N ASP A 340 0.37 30.39 -13.41
CA ASP A 340 1.27 30.27 -12.26
C ASP A 340 0.61 30.62 -10.93
N PRO A 341 1.33 30.47 -9.80
CA PRO A 341 0.82 30.76 -8.45
C PRO A 341 0.13 32.10 -8.28
N ASN A 342 0.51 33.07 -9.11
CA ASN A 342 -0.11 34.38 -9.00
C ASN A 342 -1.22 34.62 -10.00
N TYR A 343 -1.58 33.59 -10.74
CA TYR A 343 -2.63 33.67 -11.75
C TYR A 343 -2.18 34.39 -13.01
N ARG A 344 -0.88 34.39 -13.25
CA ARG A 344 -0.33 35.00 -14.45
C ARG A 344 -0.05 33.87 -15.42
N VAL A 345 -0.42 34.08 -16.68
CA VAL A 345 -0.23 33.07 -17.70
C VAL A 345 1.22 32.60 -17.79
N LYS A 346 1.38 31.33 -18.20
CA LYS A 346 2.68 30.70 -18.37
C LYS A 346 2.95 30.46 -19.85
N PRO A 347 4.19 30.09 -20.19
CA PRO A 347 4.52 29.81 -21.60
C PRO A 347 3.51 28.87 -22.21
N ALA A 348 3.06 27.92 -21.41
CA ALA A 348 2.10 26.92 -21.87
C ALA A 348 0.78 27.53 -22.36
N PHE A 349 0.27 28.52 -21.64
CA PHE A 349 -0.98 29.15 -22.04
C PHE A 349 -0.97 29.61 -23.49
N TRP A 350 0.02 30.40 -23.86
CA TRP A 350 0.10 30.91 -25.23
C TRP A 350 0.09 29.78 -26.26
N ARG A 351 0.81 28.70 -25.98
CA ARG A 351 0.93 27.56 -26.88
C ARG A 351 -0.37 26.79 -27.12
N ILE A 352 -1.34 26.93 -26.22
CA ILE A 352 -2.61 26.23 -26.41
C ILE A 352 -3.76 27.16 -26.71
N ILE A 353 -3.49 28.47 -26.72
CA ILE A 353 -4.53 29.46 -27.03
C ILE A 353 -4.52 29.77 -28.51
N ASP A 354 -3.33 29.71 -29.11
CA ASP A 354 -3.16 30.01 -30.52
C ASP A 354 -3.70 28.89 -31.40
N VAL B 1 3.27 -45.03 15.95
CA VAL B 1 3.84 -43.94 16.81
C VAL B 1 5.17 -43.47 16.25
N GLN B 2 5.28 -42.17 15.96
CA GLN B 2 6.51 -41.63 15.42
C GLN B 2 7.58 -41.41 16.50
N PRO B 3 8.86 -41.58 16.12
CA PRO B 3 9.98 -41.41 17.05
C PRO B 3 10.10 -39.96 17.53
N PHE B 4 10.88 -39.75 18.58
CA PHE B 4 11.10 -38.41 19.10
C PHE B 4 12.03 -37.66 18.17
N ALA B 5 11.95 -36.33 18.21
CA ALA B 5 12.79 -35.50 17.37
C ALA B 5 14.28 -35.75 17.55
N TRP B 6 14.70 -36.01 18.78
CA TRP B 6 16.12 -36.25 19.04
C TRP B 6 16.63 -37.60 18.58
N GLN B 7 15.74 -38.44 18.05
CA GLN B 7 16.13 -39.76 17.56
C GLN B 7 16.26 -39.81 16.05
N VAL B 8 15.90 -38.72 15.38
CA VAL B 8 15.98 -38.69 13.92
C VAL B 8 17.12 -37.81 13.41
N ALA B 9 17.36 -37.87 12.11
CA ALA B 9 18.43 -37.10 11.48
C ALA B 9 18.31 -35.60 11.70
N SER B 10 19.43 -34.99 12.07
CA SER B 10 19.51 -33.55 12.32
C SER B 10 19.20 -32.71 11.09
N LEU B 11 18.23 -31.79 11.23
CA LEU B 11 17.85 -30.87 10.16
C LEU B 11 19.02 -29.96 9.81
N ALA B 12 19.69 -29.42 10.83
CA ALA B 12 20.85 -28.55 10.64
C ALA B 12 21.91 -29.24 9.78
N ASP B 13 22.19 -30.52 10.06
CA ASP B 13 23.19 -31.25 9.30
C ASP B 13 22.71 -31.49 7.86
N ARG B 14 21.46 -31.89 7.70
CA ARG B 14 20.88 -32.14 6.38
C ARG B 14 20.99 -30.96 5.43
N TYR B 15 20.94 -29.74 5.97
CA TYR B 15 21.00 -28.53 5.16
C TYR B 15 22.26 -27.69 5.38
N GLU B 16 23.29 -28.25 6.01
CA GLU B 16 24.50 -27.49 6.28
C GLU B 16 25.17 -26.85 5.05
N GLU B 17 24.88 -27.39 3.87
CA GLU B 17 25.48 -26.86 2.63
C GLU B 17 24.60 -25.78 1.98
N SER B 18 23.39 -25.59 2.50
CA SER B 18 22.47 -24.61 1.93
C SER B 18 22.19 -23.39 2.81
N PHE B 19 21.85 -23.62 4.07
CA PHE B 19 21.53 -22.53 5.01
C PHE B 19 21.33 -23.04 6.43
N ASP B 20 21.32 -22.14 7.40
CA ASP B 20 21.12 -22.54 8.78
C ASP B 20 19.68 -22.98 8.98
N ILE B 21 19.43 -23.66 10.10
CA ILE B 21 18.10 -24.10 10.46
C ILE B 21 17.95 -23.50 11.84
N GLY B 22 17.05 -22.55 11.99
CA GLY B 22 16.88 -21.90 13.28
C GLY B 22 15.50 -22.00 13.87
N ALA B 23 15.37 -21.53 15.11
CA ALA B 23 14.11 -21.57 15.82
C ALA B 23 13.98 -20.39 16.77
N ALA B 24 12.75 -19.91 16.95
CA ALA B 24 12.49 -18.80 17.85
C ALA B 24 12.31 -19.42 19.24
N VAL B 25 12.88 -18.81 20.27
CA VAL B 25 12.78 -19.36 21.61
C VAL B 25 12.47 -18.34 22.71
N GLU B 26 12.04 -18.87 23.85
CA GLU B 26 11.74 -18.10 25.04
C GLU B 26 12.77 -18.59 26.05
N PRO B 27 13.20 -17.73 26.99
CA PRO B 27 14.20 -18.11 27.99
C PRO B 27 13.95 -19.42 28.75
N HIS B 28 12.68 -19.70 29.06
CA HIS B 28 12.33 -20.92 29.80
C HIS B 28 12.30 -22.20 28.98
N GLN B 29 12.65 -22.12 27.69
CA GLN B 29 12.64 -23.31 26.85
C GLN B 29 14.07 -23.71 26.48
N LEU B 30 15.04 -23.27 27.27
CA LEU B 30 16.43 -23.58 26.99
C LEU B 30 16.98 -24.84 27.67
N ASN B 31 16.10 -25.59 28.31
CA ASN B 31 16.51 -26.84 28.96
C ASN B 31 15.44 -27.90 28.69
N GLY B 32 15.51 -29.03 29.40
CA GLY B 32 14.54 -30.09 29.21
C GLY B 32 14.51 -30.62 27.79
N ARG B 33 13.37 -31.13 27.37
CA ARG B 33 13.22 -31.68 26.03
C ARG B 33 13.43 -30.61 24.93
N GLN B 34 12.99 -29.38 25.19
CA GLN B 34 13.16 -28.33 24.19
C GLN B 34 14.64 -28.05 23.97
N GLY B 35 15.39 -27.99 25.06
CA GLY B 35 16.81 -27.73 24.95
C GLY B 35 17.44 -28.85 24.14
N LYS B 36 17.04 -30.08 24.45
CA LYS B 36 17.53 -31.27 23.78
C LYS B 36 17.28 -31.17 22.28
N VAL B 37 16.04 -30.83 21.91
CA VAL B 37 15.68 -30.71 20.50
C VAL B 37 16.49 -29.61 19.78
N LEU B 38 16.69 -28.48 20.45
CA LEU B 38 17.42 -27.38 19.86
C LEU B 38 18.84 -27.73 19.48
N LYS B 39 19.56 -28.34 20.42
CA LYS B 39 20.92 -28.72 20.19
C LYS B 39 21.04 -29.76 19.09
N HIS B 40 20.09 -30.67 19.03
CA HIS B 40 20.12 -31.74 18.05
C HIS B 40 19.80 -31.29 16.61
N HIS B 41 18.83 -30.40 16.45
CA HIS B 41 18.40 -29.98 15.12
C HIS B 41 18.76 -28.61 14.58
N TYR B 42 18.98 -27.65 15.45
CA TYR B 42 19.24 -26.28 15.00
C TYR B 42 20.64 -25.73 15.23
N ASN B 43 21.09 -24.90 14.28
CA ASN B 43 22.40 -24.26 14.41
C ASN B 43 22.20 -22.77 14.44
N SER B 44 21.00 -22.36 14.82
CA SER B 44 20.68 -20.94 14.92
C SER B 44 19.40 -20.74 15.72
N ILE B 45 19.32 -19.64 16.45
CA ILE B 45 18.12 -19.33 17.22
C ILE B 45 17.89 -17.83 17.19
N VAL B 46 16.70 -17.44 17.65
CA VAL B 46 16.30 -16.05 17.71
C VAL B 46 15.35 -15.92 18.90
N ALA B 47 15.29 -14.74 19.51
CA ALA B 47 14.42 -14.54 20.65
C ALA B 47 13.01 -14.25 20.15
N GLU B 48 12.03 -15.01 20.63
CA GLU B 48 10.66 -14.81 20.20
C GLU B 48 10.12 -13.51 20.77
N ASN B 49 10.59 -13.11 21.95
CA ASN B 49 10.12 -11.88 22.58
C ASN B 49 11.16 -11.12 23.42
N ALA B 50 12.05 -11.84 24.08
CA ALA B 50 13.05 -11.25 24.95
C ALA B 50 13.92 -10.10 24.41
N MET B 51 14.00 -9.95 23.09
CA MET B 51 14.83 -8.89 22.51
C MET B 51 14.09 -7.78 21.76
N LYS B 52 12.79 -7.65 21.99
CA LYS B 52 12.03 -6.60 21.34
C LYS B 52 12.23 -5.36 22.21
N PRO B 53 12.09 -4.16 21.62
CA PRO B 53 12.27 -2.90 22.33
C PRO B 53 11.75 -2.83 23.77
N ILE B 54 10.46 -3.08 23.96
CA ILE B 54 9.88 -2.99 25.29
C ILE B 54 10.48 -4.02 26.25
N SER B 55 11.08 -5.06 25.71
CA SER B 55 11.67 -6.12 26.52
C SER B 55 13.12 -5.82 26.95
N LEU B 56 13.72 -4.79 26.36
CA LEU B 56 15.11 -4.44 26.70
C LEU B 56 15.23 -3.10 27.42
N GLN B 57 14.34 -2.16 27.11
CA GLN B 57 14.37 -0.85 27.77
C GLN B 57 12.95 -0.38 28.00
N PRO B 58 12.24 -1.06 28.92
CA PRO B 58 10.85 -0.74 29.29
C PRO B 58 10.68 0.68 29.83
N GLU B 59 11.78 1.26 30.28
CA GLU B 59 11.80 2.63 30.81
C GLU B 59 13.09 3.23 30.28
N GLU B 60 13.05 4.49 29.88
CA GLU B 60 14.27 5.11 29.37
C GLU B 60 15.39 5.00 30.42
N GLY B 61 16.52 4.47 29.99
CA GLY B 61 17.65 4.30 30.88
C GLY B 61 17.65 2.99 31.67
N VAL B 62 16.46 2.45 31.92
CA VAL B 62 16.32 1.19 32.69
C VAL B 62 16.31 -0.05 31.77
N PHE B 63 17.45 -0.71 31.67
CA PHE B 63 17.55 -1.91 30.83
C PHE B 63 17.41 -3.23 31.60
N THR B 64 16.74 -4.19 30.96
CA THR B 64 16.53 -5.52 31.52
C THR B 64 17.10 -6.52 30.52
N TRP B 65 18.23 -7.15 30.85
CA TRP B 65 18.88 -8.08 29.92
C TRP B 65 18.80 -9.57 30.24
N ASP B 66 18.32 -9.94 31.42
CA ASP B 66 18.26 -11.34 31.80
C ASP B 66 17.78 -12.31 30.72
N GLY B 67 16.54 -12.13 30.27
CA GLY B 67 15.99 -13.00 29.25
C GLY B 67 16.86 -13.07 28.02
N ALA B 68 17.26 -11.89 27.55
CA ALA B 68 18.09 -11.78 26.36
C ALA B 68 19.47 -12.41 26.58
N ASP B 69 20.07 -12.13 27.74
CA ASP B 69 21.40 -12.69 28.03
C ASP B 69 21.34 -14.21 28.06
N ALA B 70 20.29 -14.74 28.69
CA ALA B 70 20.11 -16.19 28.80
C ALA B 70 20.14 -16.83 27.41
N ILE B 71 19.38 -16.25 26.48
CA ILE B 71 19.34 -16.74 25.11
C ILE B 71 20.70 -16.60 24.43
N VAL B 72 21.35 -15.47 24.61
CA VAL B 72 22.67 -15.26 24.01
C VAL B 72 23.66 -16.29 24.56
N GLU B 73 23.55 -16.58 25.86
CA GLU B 73 24.44 -17.53 26.50
C GLU B 73 24.23 -18.92 25.90
N PHE B 74 22.97 -19.34 25.85
CA PHE B 74 22.63 -20.63 25.31
C PHE B 74 23.22 -20.83 23.93
N ALA B 75 23.14 -19.79 23.10
CA ALA B 75 23.65 -19.87 21.73
C ALA B 75 25.17 -19.95 21.71
N ARG B 76 25.80 -19.30 22.67
CA ARG B 76 27.25 -19.31 22.76
C ARG B 76 27.72 -20.70 23.17
N LYS B 77 27.17 -21.21 24.28
CA LYS B 77 27.55 -22.51 24.82
C LYS B 77 27.30 -23.64 23.83
N ASN B 78 26.37 -23.46 22.91
CA ASN B 78 26.05 -24.49 21.94
C ASN B 78 26.46 -24.17 20.52
N ASN B 79 27.33 -23.17 20.39
CA ASN B 79 27.85 -22.74 19.09
C ASN B 79 26.79 -22.59 18.00
N MET B 80 25.79 -21.77 18.27
CA MET B 80 24.71 -21.55 17.31
C MET B 80 24.72 -20.10 16.84
N ASN B 81 24.40 -19.87 15.58
CA ASN B 81 24.34 -18.49 15.11
C ASN B 81 23.19 -17.84 15.87
N LEU B 82 23.13 -16.51 15.82
CA LEU B 82 22.08 -15.81 16.56
C LEU B 82 21.53 -14.59 15.82
N ARG B 83 20.25 -14.64 15.47
CA ARG B 83 19.59 -13.52 14.78
C ARG B 83 19.03 -12.63 15.87
N PHE B 84 19.11 -11.32 15.68
CA PHE B 84 18.60 -10.39 16.68
C PHE B 84 17.26 -9.83 16.25
N HIS B 85 16.24 -10.02 17.08
CA HIS B 85 14.90 -9.55 16.77
C HIS B 85 14.28 -8.84 17.98
N THR B 86 14.04 -7.52 17.90
CA THR B 86 14.33 -6.69 16.73
C THR B 86 14.59 -5.27 17.22
N LEU B 87 15.42 -4.51 16.51
CA LEU B 87 15.71 -3.13 16.94
C LEU B 87 14.59 -2.12 16.81
N VAL B 88 13.76 -2.25 15.77
CA VAL B 88 12.66 -1.31 15.54
C VAL B 88 11.34 -1.99 15.14
N TRP B 89 10.25 -1.60 15.81
CA TRP B 89 8.94 -2.15 15.50
C TRP B 89 7.86 -1.29 16.16
N HIS B 90 6.64 -1.34 15.63
CA HIS B 90 5.56 -0.55 16.19
C HIS B 90 4.76 -1.28 17.25
N ASN B 91 5.16 -2.52 17.54
CA ASN B 91 4.51 -3.31 18.58
C ASN B 91 5.56 -3.66 19.63
N GLN B 92 5.12 -3.93 20.85
CA GLN B 92 6.04 -4.29 21.92
C GLN B 92 7.21 -3.33 21.95
N VAL B 93 6.87 -2.05 21.94
CA VAL B 93 7.82 -0.95 21.98
C VAL B 93 7.26 -0.04 23.08
N PRO B 94 8.11 0.38 24.03
CA PRO B 94 7.69 1.25 25.15
C PRO B 94 7.15 2.61 24.76
N ASP B 95 6.12 3.05 25.47
CA ASP B 95 5.50 4.34 25.20
C ASP B 95 6.37 5.56 25.43
N TRP B 96 7.27 5.51 26.43
CA TRP B 96 8.11 6.66 26.71
C TRP B 96 8.82 7.18 25.47
N PHE B 97 9.10 6.30 24.52
CA PHE B 97 9.77 6.68 23.27
C PHE B 97 9.06 7.82 22.54
N PHE B 98 7.73 7.81 22.59
CA PHE B 98 6.92 8.77 21.86
C PHE B 98 6.27 9.94 22.58
N LEU B 99 6.71 10.21 23.80
CA LEU B 99 6.17 11.35 24.54
C LEU B 99 7.16 12.50 24.38
N ASP B 100 6.68 13.74 24.43
CA ASP B 100 7.59 14.89 24.32
C ASP B 100 8.14 15.23 25.71
N GLU B 101 9.12 16.13 25.76
CA GLU B 101 9.73 16.55 27.01
C GLU B 101 8.69 16.90 28.08
N GLU B 102 7.51 17.31 27.66
CA GLU B 102 6.45 17.67 28.60
C GLU B 102 5.57 16.47 28.97
N GLY B 103 5.87 15.32 28.37
CA GLY B 103 5.11 14.12 28.66
C GLY B 103 3.85 13.90 27.85
N ASN B 104 3.70 14.63 26.75
CA ASN B 104 2.54 14.50 25.88
C ASN B 104 2.89 13.75 24.60
N PRO B 105 1.91 13.05 24.01
CA PRO B 105 2.17 12.30 22.77
C PRO B 105 2.68 13.21 21.67
N MET B 106 3.84 12.88 21.11
CA MET B 106 4.43 13.68 20.05
C MET B 106 3.52 13.85 18.85
N VAL B 107 2.61 12.90 18.65
CA VAL B 107 1.67 12.96 17.52
C VAL B 107 0.63 14.06 17.67
N GLU B 108 0.40 14.50 18.90
CA GLU B 108 -0.58 15.56 19.14
C GLU B 108 0.01 16.95 18.89
N GLU B 109 1.33 17.03 18.79
CA GLU B 109 2.00 18.32 18.56
C GLU B 109 1.63 18.90 17.20
N THR B 110 1.22 20.16 17.22
CA THR B 110 0.81 20.86 16.00
C THR B 110 1.79 21.94 15.53
N ASN B 111 2.66 22.40 16.42
CA ASN B 111 3.62 23.43 16.05
C ASN B 111 4.74 22.81 15.22
N GLU B 112 4.78 23.18 13.94
CA GLU B 112 5.78 22.67 13.01
C GLU B 112 7.21 22.67 13.54
N ALA B 113 7.55 23.68 14.33
CA ALA B 113 8.89 23.78 14.89
C ALA B 113 9.10 22.77 16.02
N LYS B 114 8.10 22.63 16.88
CA LYS B 114 8.18 21.70 18.01
C LYS B 114 8.12 20.26 17.49
N ARG B 115 7.44 20.05 16.37
CA ARG B 115 7.35 18.71 15.78
C ARG B 115 8.74 18.36 15.28
N GLN B 116 9.38 19.30 14.61
CA GLN B 116 10.71 19.08 14.10
C GLN B 116 11.65 18.78 15.25
N ALA B 117 11.32 19.33 16.43
CA ALA B 117 12.13 19.10 17.63
C ALA B 117 11.94 17.66 18.11
N ASN B 118 10.67 17.26 18.26
CA ASN B 118 10.33 15.92 18.72
C ASN B 118 10.88 14.85 17.78
N LYS B 119 10.87 15.15 16.49
CA LYS B 119 11.39 14.20 15.51
C LYS B 119 12.86 13.91 15.80
N GLU B 120 13.63 14.98 16.02
CA GLU B 120 15.06 14.86 16.31
C GLU B 120 15.30 14.14 17.64
N LEU B 121 14.43 14.39 18.61
CA LEU B 121 14.54 13.74 19.92
C LEU B 121 14.30 12.23 19.81
N LEU B 122 13.26 11.86 19.06
CA LEU B 122 12.92 10.45 18.86
C LEU B 122 14.08 9.71 18.19
N LEU B 123 14.62 10.30 17.13
CA LEU B 123 15.73 9.67 16.44
C LEU B 123 16.94 9.52 17.36
N GLU B 124 17.04 10.39 18.36
CA GLU B 124 18.15 10.33 19.31
C GLU B 124 17.91 9.16 20.25
N ARG B 125 16.68 9.05 20.74
CA ARG B 125 16.32 7.97 21.64
C ARG B 125 16.49 6.64 20.89
N LEU B 126 16.10 6.61 19.62
CA LEU B 126 16.25 5.40 18.85
C LEU B 126 17.73 5.07 18.73
N GLU B 127 18.52 6.11 18.46
CA GLU B 127 19.97 5.98 18.31
C GLU B 127 20.58 5.39 19.58
N THR B 128 20.17 5.91 20.72
CA THR B 128 20.67 5.45 22.01
C THR B 128 20.34 3.96 22.20
N HIS B 129 19.08 3.61 21.99
CA HIS B 129 18.61 2.23 22.14
C HIS B 129 19.48 1.31 21.32
N ILE B 130 19.58 1.57 20.02
CA ILE B 130 20.38 0.73 19.14
C ILE B 130 21.82 0.61 19.64
N LYS B 131 22.43 1.74 19.92
CA LYS B 131 23.82 1.80 20.40
C LYS B 131 24.04 0.89 21.62
N THR B 132 23.25 1.12 22.68
CA THR B 132 23.36 0.34 23.91
C THR B 132 23.22 -1.16 23.67
N VAL B 133 22.26 -1.53 22.82
CA VAL B 133 22.00 -2.93 22.50
C VAL B 133 23.05 -3.56 21.60
N VAL B 134 23.42 -2.87 20.54
CA VAL B 134 24.43 -3.42 19.62
C VAL B 134 25.77 -3.62 20.30
N GLU B 135 26.16 -2.68 21.16
CA GLU B 135 27.44 -2.79 21.86
C GLU B 135 27.47 -4.03 22.74
N ARG B 136 26.36 -4.29 23.41
CA ARG B 136 26.28 -5.45 24.28
C ARG B 136 26.27 -6.79 23.57
N TYR B 137 25.75 -6.84 22.34
CA TYR B 137 25.67 -8.11 21.63
C TYR B 137 26.35 -8.22 20.27
N LYS B 138 27.04 -7.17 19.85
CA LYS B 138 27.72 -7.16 18.55
C LYS B 138 28.54 -8.39 18.23
N ASP B 139 29.15 -9.00 19.25
CA ASP B 139 29.99 -10.17 19.02
C ASP B 139 29.26 -11.50 18.98
N ASP B 140 27.99 -11.49 19.36
CA ASP B 140 27.19 -12.71 19.39
C ASP B 140 26.15 -12.81 18.27
N VAL B 141 25.55 -11.69 17.90
CA VAL B 141 24.52 -11.64 16.84
C VAL B 141 25.14 -11.86 15.46
N THR B 142 24.55 -12.75 14.69
CA THR B 142 25.05 -13.02 13.33
C THR B 142 24.15 -12.43 12.24
N ALA B 143 23.04 -11.83 12.65
CA ALA B 143 22.09 -11.21 11.72
C ALA B 143 21.20 -10.31 12.55
N TRP B 144 20.99 -9.10 12.07
CA TRP B 144 20.15 -8.14 12.78
C TRP B 144 18.87 -7.78 12.03
N ASP B 145 17.74 -7.81 12.73
CA ASP B 145 16.46 -7.39 12.16
C ASP B 145 16.43 -5.92 12.57
N VAL B 146 17.13 -5.07 11.82
CA VAL B 146 17.19 -3.64 12.13
C VAL B 146 15.81 -3.03 12.27
N VAL B 147 14.95 -3.26 11.28
CA VAL B 147 13.58 -2.76 11.34
C VAL B 147 12.63 -3.91 11.04
N ASN B 148 11.46 -3.87 11.65
CA ASN B 148 10.46 -4.90 11.46
C ASN B 148 9.13 -4.30 11.05
N GLU B 149 8.56 -4.83 9.97
CA GLU B 149 7.25 -4.40 9.48
C GLU B 149 7.03 -2.91 9.21
N VAL B 150 7.94 -2.27 8.49
CA VAL B 150 7.79 -0.84 8.19
C VAL B 150 7.03 -0.60 6.89
N VAL B 151 6.71 -1.66 6.16
CA VAL B 151 5.97 -1.53 4.90
C VAL B 151 4.51 -1.85 5.19
N ASP B 152 3.60 -1.08 4.62
CA ASP B 152 2.17 -1.29 4.87
C ASP B 152 1.58 -2.45 4.07
N ASP B 153 0.40 -2.92 4.48
CA ASP B 153 -0.26 -4.01 3.77
C ASP B 153 -1.06 -3.45 2.60
N GLY B 154 -1.36 -2.15 2.64
CA GLY B 154 -2.10 -1.51 1.57
C GLY B 154 -1.29 -0.40 0.94
N THR B 155 -1.95 0.70 0.61
CA THR B 155 -1.25 1.83 0.02
C THR B 155 -1.81 3.15 0.57
N PRO B 156 -1.53 3.43 1.85
CA PRO B 156 -1.98 4.66 2.54
C PRO B 156 -1.20 5.89 2.04
N ASN B 157 -0.08 5.64 1.37
CA ASN B 157 0.74 6.69 0.78
C ASN B 157 1.45 6.08 -0.43
N GLU B 158 1.84 6.90 -1.39
CA GLU B 158 2.48 6.42 -2.60
C GLU B 158 3.60 5.40 -2.36
N ARG B 159 4.36 5.55 -1.28
CA ARG B 159 5.46 4.66 -0.99
C ARG B 159 5.09 3.39 -0.22
N GLY B 160 3.83 3.27 0.16
CA GLY B 160 3.38 2.09 0.88
C GLY B 160 4.06 1.86 2.20
N LEU B 161 4.41 2.95 2.90
CA LEU B 161 5.07 2.84 4.18
C LEU B 161 4.04 2.76 5.31
N ARG B 162 4.22 1.81 6.23
CA ARG B 162 3.28 1.68 7.35
C ARG B 162 3.29 3.01 8.09
N GLU B 163 2.09 3.55 8.34
CA GLU B 163 2.00 4.83 9.02
C GLU B 163 1.87 4.67 10.54
N SER B 164 2.90 4.08 11.14
CA SER B 164 2.92 3.87 12.58
C SER B 164 3.42 5.15 13.25
N VAL B 165 3.44 5.17 14.58
CA VAL B 165 3.91 6.35 15.27
C VAL B 165 5.30 6.73 14.75
N TRP B 166 6.11 5.74 14.37
CA TRP B 166 7.46 6.02 13.86
C TRP B 166 7.40 6.87 12.61
N TYR B 167 6.46 6.54 11.74
CA TYR B 167 6.31 7.24 10.47
C TYR B 167 5.69 8.63 10.65
N GLN B 168 4.64 8.69 11.46
CA GLN B 168 3.94 9.95 11.71
C GLN B 168 4.88 11.00 12.25
N ILE B 169 5.94 10.56 12.92
CA ILE B 169 6.86 11.52 13.51
C ILE B 169 8.14 11.74 12.75
N THR B 170 8.65 10.70 12.09
CA THR B 170 9.91 10.87 11.39
C THR B 170 9.88 10.50 9.92
N GLY B 171 8.69 10.17 9.41
CA GLY B 171 8.62 9.78 8.01
C GLY B 171 9.45 8.53 7.87
N ASP B 172 10.28 8.45 6.84
CA ASP B 172 11.09 7.26 6.67
C ASP B 172 12.44 7.41 7.35
N GLU B 173 12.63 8.51 8.07
CA GLU B 173 13.91 8.77 8.73
C GLU B 173 14.35 7.75 9.78
N TYR B 174 13.42 7.27 10.59
CA TYR B 174 13.76 6.28 11.63
C TYR B 174 14.39 5.06 11.00
N ILE B 175 13.95 4.71 9.79
CA ILE B 175 14.49 3.57 9.08
C ILE B 175 15.97 3.81 8.72
N ARG B 176 16.28 5.00 8.23
CA ARG B 176 17.63 5.37 7.85
C ARG B 176 18.55 5.38 9.07
N VAL B 177 18.08 6.00 10.14
CA VAL B 177 18.85 6.09 11.38
C VAL B 177 19.16 4.71 11.96
N ALA B 178 18.15 3.85 12.00
CA ALA B 178 18.31 2.50 12.54
C ALA B 178 19.41 1.73 11.81
N PHE B 179 19.34 1.69 10.50
CA PHE B 179 20.34 0.98 9.73
C PHE B 179 21.73 1.57 9.88
N GLU B 180 21.83 2.89 9.85
CA GLU B 180 23.14 3.53 9.97
C GLU B 180 23.70 3.43 11.39
N THR B 181 22.85 3.53 12.41
CA THR B 181 23.34 3.40 13.78
C THR B 181 23.76 1.95 13.95
N ALA B 182 23.00 1.03 13.36
CA ALA B 182 23.31 -0.38 13.44
C ALA B 182 24.67 -0.66 12.80
N ARG B 183 24.89 -0.16 11.59
CA ARG B 183 26.15 -0.36 10.89
C ARG B 183 27.31 0.31 11.62
N LYS B 184 27.03 1.44 12.27
CA LYS B 184 28.06 2.15 13.00
C LYS B 184 28.63 1.37 14.19
N TYR B 185 27.74 0.84 15.02
CA TYR B 185 28.15 0.10 16.21
C TYR B 185 28.28 -1.42 16.12
N ALA B 186 27.97 -1.99 14.96
CA ALA B 186 28.07 -3.44 14.81
C ALA B 186 29.22 -3.84 13.87
N GLY B 187 29.86 -2.85 13.26
CA GLY B 187 30.96 -3.16 12.36
C GLY B 187 30.50 -3.37 10.94
N GLU B 188 31.36 -3.06 9.98
CA GLU B 188 31.06 -3.19 8.57
C GLU B 188 30.74 -4.63 8.12
N ASP B 189 30.96 -5.61 8.99
CA ASP B 189 30.69 -6.99 8.63
C ASP B 189 29.41 -7.57 9.24
N ALA B 190 28.68 -6.76 9.98
CA ALA B 190 27.42 -7.20 10.58
C ALA B 190 26.36 -7.24 9.49
N LYS B 191 25.51 -8.26 9.51
CA LYS B 191 24.47 -8.38 8.50
C LYS B 191 23.17 -7.73 8.97
N LEU B 192 22.81 -6.63 8.33
CA LEU B 192 21.61 -5.86 8.65
C LEU B 192 20.43 -6.21 7.73
N PHE B 193 19.30 -6.57 8.34
CA PHE B 193 18.09 -6.93 7.60
C PHE B 193 16.88 -6.07 7.88
N ILE B 194 16.00 -6.01 6.88
CA ILE B 194 14.72 -5.33 6.99
C ILE B 194 13.81 -6.55 6.92
N ASN B 195 12.97 -6.72 7.94
CA ASN B 195 12.10 -7.89 8.06
C ASN B 195 10.61 -7.53 7.93
N ASP B 196 9.84 -8.43 7.32
CA ASP B 196 8.40 -8.17 7.15
C ASP B 196 7.66 -9.44 6.74
N TYR B 197 6.34 -9.38 6.73
CA TYR B 197 5.53 -10.53 6.32
C TYR B 197 4.84 -10.19 5.02
N ASN B 198 4.39 -11.23 4.32
CA ASN B 198 3.71 -11.07 3.04
C ASN B 198 4.62 -10.39 2.02
N THR B 199 5.92 -10.69 2.11
CA THR B 199 6.91 -10.12 1.21
C THR B 199 6.81 -10.81 -0.16
N GLU B 200 5.93 -11.81 -0.27
CA GLU B 200 5.78 -12.52 -1.52
C GLU B 200 4.63 -12.01 -2.38
N VAL B 201 3.76 -11.20 -1.79
CA VAL B 201 2.61 -10.70 -2.53
C VAL B 201 2.57 -9.21 -2.81
N THR B 202 2.09 -8.88 -4.01
CA THR B 202 1.95 -7.50 -4.46
C THR B 202 0.68 -6.98 -3.82
N PRO B 203 0.60 -5.67 -3.54
CA PRO B 203 1.60 -4.64 -3.80
C PRO B 203 2.73 -4.55 -2.76
N LYS B 204 2.49 -5.04 -1.55
CA LYS B 204 3.47 -4.98 -0.47
C LYS B 204 4.89 -5.30 -0.94
N ARG B 205 5.06 -6.42 -1.63
CA ARG B 205 6.37 -6.84 -2.12
C ARG B 205 7.03 -5.76 -2.96
N ASP B 206 6.26 -5.11 -3.83
CA ASP B 206 6.81 -4.06 -4.67
C ASP B 206 7.15 -2.82 -3.84
N HIS B 207 6.33 -2.48 -2.87
CA HIS B 207 6.63 -1.32 -2.05
C HIS B 207 7.95 -1.56 -1.34
N LEU B 208 8.12 -2.75 -0.79
CA LEU B 208 9.34 -3.10 -0.07
C LEU B 208 10.52 -3.04 -1.02
N TYR B 209 10.32 -3.56 -2.23
CA TYR B 209 11.34 -3.58 -3.26
C TYR B 209 11.80 -2.16 -3.61
N ASN B 210 10.86 -1.23 -3.68
CA ASN B 210 11.21 0.17 -4.00
C ASN B 210 11.89 0.84 -2.81
N LEU B 211 11.42 0.53 -1.61
CA LEU B 211 12.00 1.13 -0.41
C LEU B 211 13.48 0.79 -0.28
N VAL B 212 13.81 -0.50 -0.37
CA VAL B 212 15.22 -0.89 -0.23
C VAL B 212 16.02 -0.31 -1.38
N GLN B 213 15.44 -0.30 -2.57
CA GLN B 213 16.11 0.24 -3.74
C GLN B 213 16.40 1.71 -3.52
N ASP B 214 15.40 2.43 -3.02
CA ASP B 214 15.58 3.85 -2.76
C ASP B 214 16.60 4.09 -1.65
N LEU B 215 16.51 3.32 -0.58
CA LEU B 215 17.44 3.47 0.52
C LEU B 215 18.86 3.08 0.12
N LEU B 216 19.00 2.05 -0.70
CA LEU B 216 20.31 1.61 -1.17
C LEU B 216 20.95 2.77 -1.95
N ALA B 217 20.15 3.38 -2.83
CA ALA B 217 20.62 4.50 -3.64
C ALA B 217 21.11 5.66 -2.78
N ASP B 218 20.56 5.79 -1.57
CA ASP B 218 20.97 6.87 -0.67
C ASP B 218 22.11 6.45 0.26
N GLY B 219 22.69 5.29 -0.03
CA GLY B 219 23.80 4.78 0.77
C GLY B 219 23.45 4.11 2.09
N VAL B 220 22.16 3.91 2.35
CA VAL B 220 21.71 3.26 3.57
C VAL B 220 22.26 1.84 3.61
N PRO B 221 22.87 1.44 4.73
CA PRO B 221 23.44 0.09 4.86
C PRO B 221 22.40 -1.01 5.12
N ILE B 222 22.00 -1.70 4.05
CA ILE B 222 21.04 -2.78 4.16
C ILE B 222 21.60 -4.00 3.45
N ASP B 223 21.80 -5.09 4.19
CA ASP B 223 22.37 -6.29 3.60
C ASP B 223 21.40 -7.34 3.13
N GLY B 224 20.24 -7.42 3.76
CA GLY B 224 19.29 -8.43 3.33
C GLY B 224 17.85 -8.20 3.70
N VAL B 225 17.00 -9.04 3.16
CA VAL B 225 15.58 -8.97 3.41
C VAL B 225 15.15 -10.18 4.22
N GLY B 226 14.41 -9.93 5.29
CA GLY B 226 13.93 -11.02 6.11
C GLY B 226 12.47 -11.29 5.81
N HIS B 227 12.21 -12.49 5.28
CA HIS B 227 10.85 -12.92 4.96
C HIS B 227 10.33 -13.71 6.15
N GLN B 228 9.39 -13.15 6.90
CA GLN B 228 8.83 -13.84 8.06
C GLN B 228 8.23 -15.17 7.66
N ALA B 229 7.61 -15.20 6.49
CA ALA B 229 7.00 -16.42 5.98
C ALA B 229 5.91 -17.02 6.86
N HIS B 230 5.02 -16.19 7.37
CA HIS B 230 3.90 -16.71 8.15
C HIS B 230 2.93 -17.07 7.03
N ILE B 231 3.16 -18.24 6.45
CA ILE B 231 2.37 -18.68 5.33
C ILE B 231 1.35 -19.77 5.63
N GLN B 232 0.61 -20.16 4.60
CA GLN B 232 -0.40 -21.20 4.72
C GLN B 232 -0.02 -22.40 3.84
N ILE B 233 -0.89 -23.39 3.80
CA ILE B 233 -0.62 -24.58 3.00
C ILE B 233 -0.66 -24.36 1.48
N ASP B 234 -1.57 -23.50 1.02
CA ASP B 234 -1.72 -23.22 -0.41
C ASP B 234 -1.44 -21.77 -0.80
N TRP B 235 -0.96 -20.98 0.16
CA TRP B 235 -0.69 -19.57 -0.08
C TRP B 235 0.45 -19.11 0.83
N PRO B 236 1.40 -18.35 0.30
CA PRO B 236 1.52 -17.90 -1.09
C PRO B 236 1.94 -19.07 -1.96
N THR B 237 2.04 -18.86 -3.26
CA THR B 237 2.46 -19.96 -4.11
C THR B 237 3.99 -20.07 -4.13
N ILE B 238 4.47 -21.23 -4.56
CA ILE B 238 5.90 -21.47 -4.65
C ILE B 238 6.50 -20.42 -5.57
N ASP B 239 5.86 -20.21 -6.72
CA ASP B 239 6.33 -19.24 -7.69
C ASP B 239 6.45 -17.84 -7.09
N GLU B 240 5.45 -17.42 -6.32
CA GLU B 240 5.48 -16.10 -5.69
C GLU B 240 6.63 -15.99 -4.70
N ILE B 241 6.84 -17.05 -3.92
CA ILE B 241 7.92 -17.05 -2.94
C ILE B 241 9.25 -16.95 -3.68
N ARG B 242 9.39 -17.72 -4.75
CA ARG B 242 10.60 -17.73 -5.56
C ARG B 242 10.85 -16.36 -6.16
N THR B 243 9.83 -15.83 -6.84
CA THR B 243 9.94 -14.53 -7.49
C THR B 243 10.43 -13.45 -6.54
N SER B 244 9.87 -13.41 -5.33
CA SER B 244 10.25 -12.40 -4.36
C SER B 244 11.73 -12.52 -3.97
N MET B 245 12.19 -13.73 -3.66
CA MET B 245 13.58 -13.89 -3.28
C MET B 245 14.51 -13.58 -4.44
N GLU B 246 14.13 -14.00 -5.65
CA GLU B 246 14.94 -13.72 -6.83
C GLU B 246 15.03 -12.21 -7.00
N MET B 247 13.93 -11.51 -6.76
CA MET B 247 13.92 -10.05 -6.90
C MET B 247 14.91 -9.35 -5.98
N PHE B 248 14.92 -9.70 -4.70
CA PHE B 248 15.84 -9.07 -3.76
C PHE B 248 17.28 -9.53 -3.98
N ALA B 249 17.45 -10.76 -4.45
CA ALA B 249 18.78 -11.28 -4.72
C ALA B 249 19.30 -10.42 -5.86
N GLY B 250 18.38 -10.01 -6.73
CA GLY B 250 18.72 -9.19 -7.87
C GLY B 250 19.30 -7.85 -7.48
N LEU B 251 18.99 -7.39 -6.27
CA LEU B 251 19.51 -6.11 -5.81
C LEU B 251 20.81 -6.35 -5.05
N GLY B 252 21.28 -7.60 -5.06
CA GLY B 252 22.50 -7.93 -4.35
C GLY B 252 22.28 -8.07 -2.86
N LEU B 253 21.06 -8.41 -2.46
CA LEU B 253 20.73 -8.59 -1.06
C LEU B 253 20.56 -10.06 -0.73
N ASP B 254 20.84 -10.40 0.52
CA ASP B 254 20.70 -11.77 1.01
C ASP B 254 19.26 -11.95 1.49
N ASN B 255 18.76 -13.18 1.40
CA ASN B 255 17.42 -13.50 1.87
C ASN B 255 17.53 -14.45 3.05
N GLN B 256 16.54 -14.39 3.93
CA GLN B 256 16.48 -15.27 5.08
C GLN B 256 15.00 -15.46 5.42
N VAL B 257 14.62 -16.70 5.74
CA VAL B 257 13.25 -16.98 6.16
C VAL B 257 13.42 -16.89 7.68
N THR B 258 12.76 -15.90 8.26
CA THR B 258 12.91 -15.61 9.68
C THR B 258 11.90 -16.09 10.71
N GLU B 259 10.64 -16.25 10.31
CA GLU B 259 9.61 -16.65 11.27
C GLU B 259 8.66 -17.66 10.65
N LEU B 260 9.25 -18.64 9.97
CA LEU B 260 8.46 -19.65 9.28
C LEU B 260 7.53 -20.51 10.12
N ASP B 261 6.30 -20.62 9.64
CA ASP B 261 5.29 -21.48 10.21
C ASP B 261 4.25 -21.70 9.12
N VAL B 262 3.80 -22.94 9.00
CA VAL B 262 2.81 -23.31 8.00
C VAL B 262 1.51 -23.60 8.72
N SER B 263 0.63 -22.62 8.79
CA SER B 263 -0.64 -22.79 9.45
C SER B 263 -1.48 -23.82 8.70
N LEU B 264 -2.38 -24.47 9.42
CA LEU B 264 -3.27 -25.47 8.82
C LEU B 264 -4.50 -24.78 8.28
N TYR B 265 -4.64 -23.50 8.62
CA TYR B 265 -5.80 -22.73 8.19
C TYR B 265 -5.47 -21.57 7.26
N GLY B 266 -6.53 -20.93 6.78
CA GLY B 266 -6.38 -19.79 5.90
C GLY B 266 -6.38 -18.54 6.77
N TRP B 267 -6.83 -17.42 6.23
CA TRP B 267 -6.87 -16.20 7.01
C TRP B 267 -8.14 -15.36 6.79
N PRO B 268 -8.84 -15.02 7.88
CA PRO B 268 -8.47 -15.44 9.24
C PRO B 268 -8.61 -16.96 9.42
N PRO B 269 -7.94 -17.52 10.45
CA PRO B 269 -7.94 -18.95 10.75
C PRO B 269 -9.26 -19.53 11.27
N ARG B 270 -10.28 -19.53 10.42
CA ARG B 270 -11.60 -20.05 10.76
C ARG B 270 -12.13 -20.97 9.68
N PRO B 271 -12.71 -22.12 10.09
CA PRO B 271 -12.85 -22.52 11.49
C PRO B 271 -11.62 -23.32 11.90
N ALA B 272 -11.16 -23.15 13.14
CA ALA B 272 -10.00 -23.89 13.60
C ALA B 272 -10.46 -25.09 14.41
N PHE B 273 -9.67 -26.14 14.41
CA PHE B 273 -10.02 -27.31 15.19
C PHE B 273 -9.81 -26.93 16.64
N PRO B 274 -10.74 -27.32 17.52
CA PRO B 274 -10.70 -27.03 18.95
C PRO B 274 -9.50 -27.56 19.75
N THR B 275 -9.07 -28.78 19.44
CA THR B 275 -7.94 -29.39 20.12
C THR B 275 -6.99 -30.02 19.12
N TYR B 276 -5.79 -30.37 19.57
CA TYR B 276 -4.82 -30.98 18.68
C TYR B 276 -5.31 -32.32 18.17
N ASP B 277 -5.87 -33.15 19.07
CA ASP B 277 -6.37 -34.46 18.69
C ASP B 277 -7.47 -34.41 17.63
N ALA B 278 -8.20 -33.30 17.57
CA ALA B 278 -9.28 -33.16 16.60
C ALA B 278 -8.79 -32.89 15.17
N ILE B 279 -7.50 -32.63 15.00
CA ILE B 279 -6.98 -32.36 13.66
C ILE B 279 -6.83 -33.64 12.87
N PRO B 280 -7.52 -33.75 11.72
CA PRO B 280 -7.45 -34.96 10.88
C PRO B 280 -6.10 -35.12 10.17
N GLN B 281 -5.68 -36.36 9.98
CA GLN B 281 -4.40 -36.65 9.32
C GLN B 281 -4.27 -36.05 7.91
N GLU B 282 -5.39 -35.91 7.21
CA GLU B 282 -5.34 -35.35 5.87
C GLU B 282 -4.64 -34.00 5.94
N ARG B 283 -4.98 -33.22 6.97
CA ARG B 283 -4.39 -31.90 7.16
C ARG B 283 -2.87 -31.98 7.25
N PHE B 284 -2.38 -32.86 8.12
CA PHE B 284 -0.94 -33.02 8.30
C PHE B 284 -0.27 -33.50 7.02
N GLN B 285 -0.97 -34.32 6.25
CA GLN B 285 -0.43 -34.81 4.99
C GLN B 285 -0.36 -33.67 4.00
N ALA B 286 -1.39 -32.84 3.97
CA ALA B 286 -1.41 -31.70 3.08
C ALA B 286 -0.28 -30.76 3.47
N GLN B 287 -0.05 -30.62 4.78
CA GLN B 287 1.02 -29.77 5.29
C GLN B 287 2.38 -30.35 4.88
N ALA B 288 2.45 -31.67 4.88
CA ALA B 288 3.69 -32.37 4.50
C ALA B 288 4.06 -32.10 3.03
N ASP B 289 3.07 -32.13 2.15
CA ASP B 289 3.32 -31.87 0.72
C ASP B 289 3.82 -30.46 0.57
N ARG B 290 3.22 -29.55 1.34
CA ARG B 290 3.58 -28.13 1.32
C ARG B 290 5.04 -27.96 1.76
N TYR B 291 5.39 -28.61 2.87
CA TYR B 291 6.75 -28.51 3.38
C TYR B 291 7.78 -29.05 2.41
N ASN B 292 7.46 -30.15 1.75
CA ASN B 292 8.39 -30.75 0.78
C ASN B 292 8.68 -29.76 -0.34
N GLN B 293 7.62 -29.15 -0.86
CA GLN B 293 7.78 -28.18 -1.94
C GLN B 293 8.53 -26.94 -1.48
N LEU B 294 8.27 -26.52 -0.25
CA LEU B 294 8.89 -25.34 0.30
C LEU B 294 10.39 -25.51 0.46
N PHE B 295 10.81 -26.62 1.07
CA PHE B 295 12.23 -26.82 1.24
C PHE B 295 12.95 -27.19 -0.05
N GLU B 296 12.22 -27.75 -1.01
CA GLU B 296 12.83 -28.07 -2.29
C GLU B 296 13.16 -26.71 -2.92
N LEU B 297 12.23 -25.77 -2.76
CA LEU B 297 12.44 -24.43 -3.29
C LEU B 297 13.63 -23.79 -2.58
N TYR B 298 13.58 -23.73 -1.25
CA TYR B 298 14.67 -23.14 -0.50
C TYR B 298 16.00 -23.73 -0.94
N GLU B 299 16.01 -25.03 -1.20
CA GLU B 299 17.26 -25.67 -1.61
C GLU B 299 17.64 -25.19 -3.00
N GLU B 300 16.65 -25.08 -3.88
CA GLU B 300 16.91 -24.60 -5.23
C GLU B 300 17.53 -23.20 -5.20
N LEU B 301 17.18 -22.41 -4.18
CA LEU B 301 17.68 -21.04 -4.07
C LEU B 301 18.73 -20.84 -2.97
N ASP B 302 19.32 -21.93 -2.50
CA ASP B 302 20.30 -21.81 -1.41
C ASP B 302 21.48 -20.88 -1.71
N ALA B 303 21.58 -20.42 -2.95
CA ALA B 303 22.67 -19.54 -3.33
C ALA B 303 22.37 -18.11 -2.87
N ASP B 304 21.10 -17.83 -2.63
CA ASP B 304 20.67 -16.49 -2.21
C ASP B 304 19.93 -16.56 -0.88
N LEU B 305 19.87 -17.74 -0.29
CA LEU B 305 19.18 -17.95 0.98
C LEU B 305 20.21 -18.43 1.99
N SER B 306 20.42 -17.68 3.06
CA SER B 306 21.43 -18.06 4.05
C SER B 306 20.90 -18.70 5.33
N SER B 307 19.64 -18.45 5.64
CA SER B 307 19.10 -19.00 6.88
C SER B 307 17.60 -19.19 6.81
N VAL B 308 17.10 -20.22 7.49
CA VAL B 308 15.68 -20.52 7.53
C VAL B 308 15.31 -20.82 8.97
N THR B 309 14.54 -19.93 9.58
CA THR B 309 14.15 -20.07 10.98
C THR B 309 12.65 -20.28 11.15
N PHE B 310 12.29 -21.23 12.00
CA PHE B 310 10.90 -21.51 12.30
C PHE B 310 10.54 -20.63 13.49
N TRP B 311 9.31 -20.11 13.52
CA TRP B 311 8.90 -19.26 14.64
C TRP B 311 8.46 -20.13 15.81
N GLY B 312 9.31 -21.08 16.19
CA GLY B 312 8.99 -21.97 17.28
C GLY B 312 9.71 -23.28 17.11
N ILE B 313 9.49 -24.20 18.05
CA ILE B 313 10.15 -25.50 18.00
C ILE B 313 9.18 -26.63 17.66
N ALA B 314 8.24 -26.88 18.57
CA ALA B 314 7.26 -27.95 18.35
C ALA B 314 5.86 -27.38 18.51
N ASP B 315 4.87 -28.11 17.98
CA ASP B 315 3.48 -27.68 18.01
C ASP B 315 2.85 -27.35 19.35
N ASN B 316 3.56 -27.58 20.44
CA ASN B 316 3.01 -27.28 21.75
C ASN B 316 3.08 -25.80 22.08
N HIS B 317 3.98 -25.08 21.40
CA HIS B 317 4.17 -23.64 21.62
C HIS B 317 4.24 -22.87 20.30
N THR B 318 3.16 -22.19 19.95
CA THR B 318 3.10 -21.41 18.71
C THR B 318 2.12 -20.25 18.85
N TRP B 319 2.53 -19.06 18.43
CA TRP B 319 1.67 -17.89 18.52
C TRP B 319 0.46 -18.04 17.63
N LEU B 320 0.49 -19.02 16.75
CA LEU B 320 -0.64 -19.26 15.85
C LEU B 320 -1.85 -19.71 16.64
N ASP B 321 -1.62 -20.21 17.85
CA ASP B 321 -2.73 -20.64 18.69
C ASP B 321 -3.51 -19.41 19.18
N ASP B 322 -2.81 -18.32 19.45
CA ASP B 322 -3.46 -17.09 19.89
C ASP B 322 -4.36 -16.58 18.76
N ARG B 323 -3.83 -16.61 17.55
CA ARG B 323 -4.56 -16.17 16.38
C ARG B 323 -5.78 -17.06 16.17
N ALA B 324 -5.59 -18.37 16.30
CA ALA B 324 -6.70 -19.29 16.14
C ALA B 324 -7.80 -18.96 17.15
N ARG B 325 -7.42 -18.77 18.42
CA ARG B 325 -8.41 -18.45 19.45
C ARG B 325 -9.16 -17.15 19.20
N GLU B 326 -8.45 -16.10 18.84
CA GLU B 326 -9.07 -14.80 18.58
C GLU B 326 -10.23 -14.89 17.60
N TYR B 327 -10.08 -15.72 16.58
CA TYR B 327 -11.13 -15.86 15.58
C TYR B 327 -12.09 -17.02 15.75
N ASN B 328 -11.93 -17.80 16.81
CA ASN B 328 -12.81 -18.93 17.03
C ASN B 328 -13.35 -18.94 18.45
N ASP B 329 -13.84 -17.78 18.87
CA ASP B 329 -14.44 -17.59 20.18
C ASP B 329 -13.63 -18.06 21.39
N GLY B 330 -12.30 -17.95 21.30
CA GLY B 330 -11.44 -18.33 22.41
C GLY B 330 -10.94 -19.77 22.42
N VAL B 331 -11.32 -20.57 21.43
CA VAL B 331 -10.89 -21.95 21.37
C VAL B 331 -10.38 -22.31 19.98
N GLY B 332 -9.16 -22.86 19.93
CA GLY B 332 -8.57 -23.24 18.67
C GLY B 332 -7.13 -23.67 18.81
N LYS B 333 -6.70 -24.60 17.96
CA LYS B 333 -5.33 -25.09 17.99
C LYS B 333 -4.77 -25.24 16.59
N ASP B 334 -3.55 -24.76 16.38
CA ASP B 334 -2.89 -24.88 15.08
C ASP B 334 -1.74 -25.86 15.34
N ALA B 335 -1.04 -26.26 14.28
CA ALA B 335 0.09 -27.21 14.36
C ALA B 335 0.99 -26.96 13.15
N PRO B 336 1.78 -25.88 13.19
CA PRO B 336 2.70 -25.42 12.14
C PRO B 336 4.06 -26.06 11.89
N PHE B 337 4.59 -26.80 12.84
CA PHE B 337 5.93 -27.35 12.71
C PHE B 337 6.08 -28.78 12.21
N VAL B 338 7.32 -29.28 12.22
CA VAL B 338 7.57 -30.65 11.80
C VAL B 338 7.61 -31.57 13.02
N PHE B 339 7.42 -30.98 14.21
CA PHE B 339 7.44 -31.73 15.46
C PHE B 339 6.14 -31.47 16.23
N ASP B 340 5.43 -32.53 16.60
CA ASP B 340 4.16 -32.38 17.32
C ASP B 340 4.33 -31.94 18.79
N PRO B 341 3.22 -31.70 19.52
CA PRO B 341 3.25 -31.26 20.92
C PRO B 341 4.12 -32.11 21.84
N ASN B 342 4.31 -33.38 21.49
CA ASN B 342 5.12 -34.26 22.32
C ASN B 342 6.55 -34.41 21.81
N TYR B 343 6.91 -33.61 20.83
CA TYR B 343 8.26 -33.64 20.26
C TYR B 343 8.50 -34.87 19.39
N ARG B 344 7.43 -35.45 18.88
CA ARG B 344 7.56 -36.59 18.00
C ARG B 344 7.42 -36.05 16.58
N VAL B 345 8.27 -36.53 15.68
CA VAL B 345 8.25 -36.06 14.30
C VAL B 345 6.88 -36.24 13.63
N LYS B 346 6.58 -35.34 12.69
CA LYS B 346 5.33 -35.37 11.95
C LYS B 346 5.61 -35.78 10.50
N PRO B 347 4.54 -36.02 9.71
CA PRO B 347 4.72 -36.41 8.31
C PRO B 347 5.63 -35.42 7.59
N ALA B 348 5.53 -34.16 7.97
CA ALA B 348 6.31 -33.10 7.37
C ALA B 348 7.81 -33.29 7.55
N PHE B 349 8.23 -33.75 8.73
CA PHE B 349 9.65 -33.95 8.97
C PHE B 349 10.29 -34.86 7.93
N TRP B 350 9.74 -36.04 7.73
CA TRP B 350 10.29 -37.00 6.77
C TRP B 350 10.41 -36.38 5.38
N ARG B 351 9.41 -35.60 4.98
CA ARG B 351 9.39 -34.97 3.65
C ARG B 351 10.46 -33.92 3.42
N ILE B 352 11.05 -33.39 4.48
CA ILE B 352 12.08 -32.38 4.30
C ILE B 352 13.45 -32.84 4.76
N ILE B 353 13.52 -34.09 5.25
CA ILE B 353 14.81 -34.62 5.71
C ILE B 353 15.44 -35.43 4.59
N ASP B 354 14.59 -36.03 3.77
CA ASP B 354 15.03 -36.85 2.66
C ASP B 354 15.52 -35.97 1.52
#